data_3QBA
# 
_entry.id   3QBA 
# 
_audit_conform.dict_name       mmcif_pdbx.dic 
_audit_conform.dict_version    5.387 
_audit_conform.dict_location   http://mmcif.pdb.org/dictionaries/ascii/mmcif_pdbx.dic 
# 
loop_
_database_2.database_id 
_database_2.database_code 
_database_2.pdbx_database_accession 
_database_2.pdbx_DOI 
PDB   3QBA         pdb_00003qba 10.2210/pdb3qba/pdb 
NDB   NA0908       ?            ?                   
RCSB  RCSB063427   ?            ?                   
WWPDB D_1000063427 ?            ?                   
# 
loop_
_pdbx_audit_revision_history.ordinal 
_pdbx_audit_revision_history.data_content_type 
_pdbx_audit_revision_history.major_revision 
_pdbx_audit_revision_history.minor_revision 
_pdbx_audit_revision_history.revision_date 
1 'Structure model' 1 0 2011-03-02 
2 'Structure model' 1 1 2011-07-13 
3 'Structure model' 1 2 2011-07-27 
4 'Structure model' 1 3 2024-02-21 
# 
_pdbx_audit_revision_details.ordinal             1 
_pdbx_audit_revision_details.revision_ordinal    1 
_pdbx_audit_revision_details.data_content_type   'Structure model' 
_pdbx_audit_revision_details.provider            repository 
_pdbx_audit_revision_details.type                'Initial release' 
_pdbx_audit_revision_details.description         ? 
_pdbx_audit_revision_details.details             ? 
# 
loop_
_pdbx_audit_revision_group.ordinal 
_pdbx_audit_revision_group.revision_ordinal 
_pdbx_audit_revision_group.data_content_type 
_pdbx_audit_revision_group.group 
1 2 'Structure model' 'Version format compliance' 
2 3 'Structure model' 'Data collection'           
3 4 'Structure model' 'Data collection'           
4 4 'Structure model' 'Database references'       
# 
loop_
_pdbx_audit_revision_category.ordinal 
_pdbx_audit_revision_category.revision_ordinal 
_pdbx_audit_revision_category.data_content_type 
_pdbx_audit_revision_category.category 
1 4 'Structure model' chem_comp      
2 4 'Structure model' chem_comp_atom 
3 4 'Structure model' chem_comp_bond 
4 4 'Structure model' database_2     
# 
loop_
_pdbx_audit_revision_item.ordinal 
_pdbx_audit_revision_item.revision_ordinal 
_pdbx_audit_revision_item.data_content_type 
_pdbx_audit_revision_item.item 
1 4 'Structure model' '_chem_comp.type'                     
2 4 'Structure model' '_database_2.pdbx_DOI'                
3 4 'Structure model' '_database_2.pdbx_database_accession' 
# 
_pdbx_database_status.status_code                     REL 
_pdbx_database_status.entry_id                        3QBA 
_pdbx_database_status.recvd_initial_deposition_date   2011-01-12 
_pdbx_database_status.deposit_site                    RCSB 
_pdbx_database_status.process_site                    RCSB 
_pdbx_database_status.status_code_sf                  REL 
_pdbx_database_status.status_code_mr                  ? 
_pdbx_database_status.SG_entry                        ? 
_pdbx_database_status.status_code_cs                  ? 
_pdbx_database_status.methods_development_category    ? 
_pdbx_database_status.pdb_format_compatible           Y 
_pdbx_database_status.status_code_nmr_data            ? 
# 
loop_
_pdbx_database_related.db_name 
_pdbx_database_related.db_id 
_pdbx_database_related.details 
_pdbx_database_related.content_type 
PDB 1V9G . unspecified 
PDB 1WOE . unspecified 
PDB 1ICK . unspecified 
PDB 3QBB . unspecified 
# 
loop_
_audit_author.name 
_audit_author.pdbx_ordinal 
'Fenn, T.D.'       1 
'Schnieders, M.J.' 2 
'Mustyakimov, M.'  3 
'Wu, C.'           4 
'Langan, P.'       5 
'Pande, V.S.'      6 
'Brunger, A.T.'    7 
# 
_citation.id                        primary 
_citation.title                     
;Reintroducing electrostatics into macromolecular crystallographic refinement: application to neutron crystallography and DNA hydration.
;
_citation.journal_abbrev            Structure 
_citation.journal_volume            19 
_citation.page_first                523 
_citation.page_last                 533 
_citation.year                      2011 
_citation.journal_id_ASTM           STRUE6 
_citation.country                   UK 
_citation.journal_id_ISSN           0969-2126 
_citation.journal_id_CSD            2005 
_citation.book_publisher            ? 
_citation.pdbx_database_id_PubMed   21481775 
_citation.pdbx_database_id_DOI      10.1016/j.str.2011.01.015 
# 
loop_
_citation_author.citation_id 
_citation_author.name 
_citation_author.ordinal 
_citation_author.identifier_ORCID 
primary 'Fenn, T.D.'       1 ? 
primary 'Schnieders, M.J.' 2 ? 
primary 'Mustyakimov, M.'  3 ? 
primary 'Wu, C.'           4 ? 
primary 'Langan, P.'       5 ? 
primary 'Pande, V.S.'      6 ? 
primary 'Brunger, A.T.'    7 ? 
# 
loop_
_entity.id 
_entity.type 
_entity.src_method 
_entity.pdbx_description 
_entity.formula_weight 
_entity.pdbx_number_of_molecules 
_entity.pdbx_ec 
_entity.pdbx_mutation 
_entity.pdbx_fragment 
_entity.details 
1 polymer syn Z-DNA 1730.225 2  ? ? ? ? 
2 water   nat water 18.015   41 ? ? ? ? 
# 
_entity_poly.entity_id                      1 
_entity_poly.type                           polydeoxyribonucleotide 
_entity_poly.nstd_linkage                   no 
_entity_poly.nstd_monomer                   yes 
_entity_poly.pdbx_seq_one_letter_code       '(DCZ)(DG)(DC)(DG)(DC)(DG)' 
_entity_poly.pdbx_seq_one_letter_code_can   XGCGCG 
_entity_poly.pdbx_strand_id                 A,B 
_entity_poly.pdbx_target_identifier         ? 
# 
_pdbx_entity_nonpoly.entity_id   2 
_pdbx_entity_nonpoly.name        water 
_pdbx_entity_nonpoly.comp_id     DOD 
# 
loop_
_entity_poly_seq.entity_id 
_entity_poly_seq.num 
_entity_poly_seq.mon_id 
_entity_poly_seq.hetero 
1 1 DCZ n 
1 2 DG  n 
1 3 DC  n 
1 4 DG  n 
1 5 DC  n 
1 6 DG  n 
# 
_pdbx_entity_src_syn.entity_id              1 
_pdbx_entity_src_syn.pdbx_src_id            1 
_pdbx_entity_src_syn.pdbx_alt_source_flag   sample 
_pdbx_entity_src_syn.pdbx_beg_seq_num       ? 
_pdbx_entity_src_syn.pdbx_end_seq_num       ? 
_pdbx_entity_src_syn.organism_scientific    ? 
_pdbx_entity_src_syn.organism_common_name   ? 
_pdbx_entity_src_syn.ncbi_taxonomy_id       ? 
_pdbx_entity_src_syn.details                'solid state synthesis using a phosphoramidite approach' 
# 
loop_
_chem_comp.id 
_chem_comp.type 
_chem_comp.mon_nstd_flag 
_chem_comp.name 
_chem_comp.pdbx_synonyms 
_chem_comp.formula 
_chem_comp.formula_weight 
DC  'DNA linking'             y "2'-DEOXYCYTIDINE-5'-MONOPHOSPHATE"  ? 'C9 H14 N3 O7 P'  307.197 
DCZ 'DNA OH 5 prime terminus' . "2'-DEOXYCYTIDINE"                   ? 'C9 H13 N3 O4'    227.217 
DG  'DNA linking'             y "2'-DEOXYGUANOSINE-5'-MONOPHOSPHATE" ? 'C10 H14 N5 O7 P' 347.221 
DOD non-polymer               . 'DEUTERATED WATER'                   ? 'D2 O'            20.028  
# 
loop_
_pdbx_poly_seq_scheme.asym_id 
_pdbx_poly_seq_scheme.entity_id 
_pdbx_poly_seq_scheme.seq_id 
_pdbx_poly_seq_scheme.mon_id 
_pdbx_poly_seq_scheme.ndb_seq_num 
_pdbx_poly_seq_scheme.pdb_seq_num 
_pdbx_poly_seq_scheme.auth_seq_num 
_pdbx_poly_seq_scheme.pdb_mon_id 
_pdbx_poly_seq_scheme.auth_mon_id 
_pdbx_poly_seq_scheme.pdb_strand_id 
_pdbx_poly_seq_scheme.pdb_ins_code 
_pdbx_poly_seq_scheme.hetero 
A 1 1 DCZ 1 1  1  DCZ DCZ A . n 
A 1 2 DG  2 2  2  DG  DG  A . n 
A 1 3 DC  3 3  3  DC  DC  A . n 
A 1 4 DG  4 4  4  DG  DG  A . n 
A 1 5 DC  5 5  5  DC  DC  A . n 
A 1 6 DG  6 6  6  DG  DG  A . n 
B 1 1 DCZ 1 7  7  DCZ DCZ B . n 
B 1 2 DG  2 8  8  DG  DG  B . n 
B 1 3 DC  3 9  9  DC  DC  B . n 
B 1 4 DG  4 10 10 DG  DG  B . n 
B 1 5 DC  5 11 11 DC  DC  B . n 
B 1 6 DG  6 12 12 DG  DG  B . n 
# 
loop_
_pdbx_nonpoly_scheme.asym_id 
_pdbx_nonpoly_scheme.entity_id 
_pdbx_nonpoly_scheme.mon_id 
_pdbx_nonpoly_scheme.ndb_seq_num 
_pdbx_nonpoly_scheme.pdb_seq_num 
_pdbx_nonpoly_scheme.auth_seq_num 
_pdbx_nonpoly_scheme.pdb_mon_id 
_pdbx_nonpoly_scheme.auth_mon_id 
_pdbx_nonpoly_scheme.pdb_strand_id 
_pdbx_nonpoly_scheme.pdb_ins_code 
C 2 DOD 1  7  7  DOD DOD A . 
C 2 DOD 2  8  8  DOD DOD A . 
C 2 DOD 3  9  9  DOD DOD A . 
C 2 DOD 4  14 14 DOD DOD A . 
C 2 DOD 5  17 17 DOD DOD A . 
C 2 DOD 6  21 21 DOD DOD A . 
C 2 DOD 7  23 23 DOD DOD A . 
C 2 DOD 8  26 26 DOD DOD A . 
C 2 DOD 9  33 33 DOD DOD A . 
C 2 DOD 10 37 37 DOD DOD A . 
C 2 DOD 11 38 38 DOD DOD A . 
C 2 DOD 12 41 41 DOD DOD A . 
C 2 DOD 13 42 42 DOD DOD A . 
C 2 DOD 14 53 53 DOD DOD A . 
C 2 DOD 15 57 57 DOD DOD A . 
C 2 DOD 16 58 58 DOD DOD A . 
C 2 DOD 17 69 69 DOD DOD A . 
D 2 DOD 1  4  4  DOD DOD B . 
D 2 DOD 2  13 13 DOD DOD B . 
D 2 DOD 3  15 15 DOD DOD B . 
D 2 DOD 4  16 16 DOD DOD B . 
D 2 DOD 5  17 17 DOD DOD B . 
D 2 DOD 6  18 18 DOD DOD B . 
D 2 DOD 7  19 19 DOD DOD B . 
D 2 DOD 8  25 25 DOD DOD B . 
D 2 DOD 9  27 27 DOD DOD B . 
D 2 DOD 10 32 32 DOD DOD B . 
D 2 DOD 11 34 34 DOD DOD B . 
D 2 DOD 12 35 35 DOD DOD B . 
D 2 DOD 13 40 40 DOD DOD B . 
D 2 DOD 14 43 43 DOD DOD B . 
D 2 DOD 15 50 50 DOD DOD B . 
D 2 DOD 16 51 51 DOD DOD B . 
D 2 DOD 17 62 62 DOD DOD B . 
D 2 DOD 18 63 63 DOD DOD B . 
D 2 DOD 19 64 64 DOD DOD B . 
D 2 DOD 20 65 65 DOD DOD B . 
D 2 DOD 21 66 66 DOD DOD B . 
D 2 DOD 22 67 67 DOD DOD B . 
D 2 DOD 23 68 68 DOD DOD B . 
D 2 DOD 24 70 70 DOD DOD B . 
# 
loop_
_software.name 
_software.classification 
_software.version 
_software.citation_id 
_software.pdbx_ordinal 
CrystalClear 'data collection' . ? 1 
PHASER       phasing           . ? 2 
nCNS-TINKER  refinement        . ? 3 
d*TREK       'data reduction'  . ? 4 
SCALA        'data scaling'    . ? 5 
# 
_cell.entry_id           3QBA 
_cell.length_a           17.900 
_cell.length_b           30.590 
_cell.length_c           44.610 
_cell.angle_alpha        90.00 
_cell.angle_beta         90.00 
_cell.angle_gamma        90.00 
_cell.Z_PDB              8 
_cell.pdbx_unique_axis   ? 
_cell.length_a_esd       ? 
_cell.length_b_esd       ? 
_cell.length_c_esd       ? 
_cell.angle_alpha_esd    ? 
_cell.angle_beta_esd     ? 
_cell.angle_gamma_esd    ? 
# 
_symmetry.entry_id                         3QBA 
_symmetry.space_group_name_H-M             'P 21 21 21' 
_symmetry.pdbx_full_space_group_name_H-M   ? 
_symmetry.cell_setting                     ? 
_symmetry.Int_Tables_number                19 
_symmetry.space_group_name_Hall            ? 
# 
loop_
_exptl.entry_id 
_exptl.method 
_exptl.crystals_number 
3QBA 'X-RAY DIFFRACTION'   1 
3QBA 'NEUTRON DIFFRACTION' ? 
# 
_exptl_crystal.id                    1 
_exptl_crystal.density_meas          ? 
_exptl_crystal.density_Matthews      1.76 
_exptl_crystal.density_percent_sol   30.30 
_exptl_crystal.description           ? 
_exptl_crystal.F_000                 ? 
_exptl_crystal.preparation           ? 
# 
_exptl_crystal_grow.crystal_id      1 
_exptl_crystal_grow.method          'VAPOR DIFFUSION' 
_exptl_crystal_grow.temp            293 
_exptl_crystal_grow.temp_details    ? 
_exptl_crystal_grow.pH              5.6 
_exptl_crystal_grow.pdbx_details    
;0.01M Magnesium Acetate 
0.05M MES pH 5.6 
2.5M Ammonium Sulfate, VAPOR DIFFUSION, temperature 293K
;
_exptl_crystal_grow.pdbx_pH_range   ? 
# 
loop_
_diffrn.id 
_diffrn.ambient_temp 
_diffrn.ambient_temp_details 
_diffrn.crystal_id 
1 293 ? 1 
2 293 ? 1 
# 
loop_
_diffrn_detector.diffrn_id 
_diffrn_detector.detector 
_diffrn_detector.type 
_diffrn_detector.pdbx_collection_date 
_diffrn_detector.details 
1 CCD             'RIGAKU SATURN 92' 2006-01-01 ? 
2 'AREA DETECTOR' ?                  2006-01-01 ? 
# 
_diffrn_radiation.diffrn_id                        1 
_diffrn_radiation.wavelength_id                    1 
_diffrn_radiation.pdbx_monochromatic_or_laue_m_l   M 
_diffrn_radiation.monochromator                    ? 
_diffrn_radiation.pdbx_diffrn_protocol             'SINGLE WAVELENGTH' 
_diffrn_radiation.pdbx_scattering_type             x-ray 
# 
loop_
_diffrn_radiation_wavelength.id 
_diffrn_radiation_wavelength.wavelength 
_diffrn_radiation_wavelength.wt 
1 1.54 1.0 
2 0.6  1.0 
3 0.7  1.0 
# 
loop_
_diffrn_source.diffrn_id 
_diffrn_source.source 
_diffrn_source.type 
_diffrn_source.pdbx_synchrotron_site 
_diffrn_source.pdbx_synchrotron_beamline 
_diffrn_source.pdbx_wavelength 
_diffrn_source.pdbx_wavelength_list 
1 'ROTATING ANODE'  'RIGAKU FR-E DW' ? ? ? 1.54    
2 'NUCLEAR REACTOR' ?                ? ? ? 0.6-0.7 
# 
_reflns.entry_id                     3QBA 
_reflns.observed_criterion_sigma_I   0.0 
_reflns.observed_criterion_sigma_F   0.0 
_reflns.d_resolution_low             100.0 
_reflns.d_resolution_high            1.53 
_reflns.number_obs                   3696 
_reflns.number_all                   3696 
_reflns.percent_possible_obs         92.1 
_reflns.pdbx_Rmerge_I_obs            ? 
_reflns.pdbx_Rsym_value              ? 
_reflns.pdbx_netI_over_sigmaI        ? 
_reflns.B_iso_Wilson_estimate        ? 
_reflns.pdbx_redundancy              ? 
_reflns.R_free_details               ? 
_reflns.limit_h_max                  ? 
_reflns.limit_h_min                  ? 
_reflns.limit_k_max                  ? 
_reflns.limit_k_min                  ? 
_reflns.limit_l_max                  ? 
_reflns.limit_l_min                  ? 
_reflns.observed_criterion_F_max     ? 
_reflns.observed_criterion_F_min     ? 
_reflns.pdbx_chi_squared             ? 
_reflns.pdbx_scaling_rejects         ? 
_reflns.pdbx_ordinal                 1 
_reflns.pdbx_diffrn_id               1 
# 
loop_
_refine.entry_id 
_refine.ls_number_reflns_obs 
_refine.ls_number_reflns_all 
_refine.pdbx_ls_sigma_I 
_refine.pdbx_ls_sigma_F 
_refine.pdbx_data_cutoff_high_absF 
_refine.pdbx_data_cutoff_low_absF 
_refine.pdbx_data_cutoff_high_rms_absF 
_refine.ls_d_res_low 
_refine.ls_d_res_high 
_refine.ls_percent_reflns_obs 
_refine.ls_R_factor_obs 
_refine.ls_R_factor_all 
_refine.ls_R_factor_R_work 
_refine.ls_R_factor_R_free 
_refine.ls_R_factor_R_free_error 
_refine.ls_R_factor_R_free_error_details 
_refine.ls_percent_reflns_R_free 
_refine.ls_number_reflns_R_free 
_refine.ls_number_parameters 
_refine.ls_number_restraints 
_refine.occupancy_min 
_refine.occupancy_max 
_refine.correlation_coeff_Fo_to_Fc 
_refine.correlation_coeff_Fo_to_Fc_free 
_refine.B_iso_mean 
_refine.aniso_B[1][1] 
_refine.aniso_B[2][2] 
_refine.aniso_B[3][3] 
_refine.aniso_B[1][2] 
_refine.aniso_B[1][3] 
_refine.aniso_B[2][3] 
_refine.solvent_model_details 
_refine.solvent_model_param_ksol 
_refine.solvent_model_param_bsol 
_refine.pdbx_solvent_vdw_probe_radii 
_refine.pdbx_solvent_ion_probe_radii 
_refine.pdbx_solvent_shrinkage_radii 
_refine.pdbx_ls_cross_valid_method 
_refine.details 
_refine.pdbx_starting_model 
_refine.pdbx_method_to_determine_struct 
_refine.pdbx_isotropic_thermal_model 
_refine.pdbx_stereochemistry_target_values 
_refine.pdbx_stereochem_target_val_spec_case 
_refine.pdbx_R_Free_selection_details 
_refine.pdbx_overall_ESU_R_Free 
_refine.overall_SU_ML 
_refine.overall_SU_B 
_refine.overall_SU_R_Cruickshank_DPI 
_refine.ls_redundancy_reflns_obs 
_refine.B_iso_min 
_refine.B_iso_max 
_refine.overall_SU_R_free 
_refine.ls_wR_factor_R_free 
_refine.ls_wR_factor_R_work 
_refine.overall_FOM_free_R_set 
_refine.overall_FOM_work_R_set 
_refine.pdbx_overall_phase_error 
_refine.pdbx_refine_id 
_refine.pdbx_diffrn_id 
_refine.pdbx_overall_ESU_R 
_refine.pdbx_TLS_residual_ADP_flag 
_refine.pdbx_overall_SU_R_free_Cruickshank_DPI 
_refine.pdbx_overall_SU_R_Blow_DPI 
_refine.pdbx_overall_SU_R_free_Blow_DPI 
3QBA 3696 3696 ? 0.0 ? ? ? 100 1.53 ? ? ? 0.1937 0.2359 ? ? ? 178 ? ? ? ? ? ? ? ? ? ? ? ? ? ? ? ? ? ? ? ? ? ? 
'MOLECULAR REPLACEMENT' ? AMOEBA ? 'random, throughout' ? ? ? ? ? ? ? ? ? ? ? ? ? 'X-RAY DIFFRACTION'   1 ? ? ? ? ? 
3QBA 4680 4680 ? 0.0 ? ? ? 100 1.4  ? ? ? 0.3007 0.3147 ? ? ? 240 ? ? ? ? ? ? ? ? ? ? ? ? ? ? ? ? ? ? ? ? ? ? 
'MOLECULAR REPLACEMENT' ? AMOEBA ? 'random, throughout' ? ? ? ? ? ? ? ? ? ? ? ? ? 'NEUTRON DIFFRACTION' 2 ? ? ? ? ? 
# 
_refine_hist.pdbx_refine_id                   'NEUTRON DIFFRACTION' 
_refine_hist.cycle_id                         LAST 
_refine_hist.pdbx_number_atoms_protein        0 
_refine_hist.pdbx_number_atoms_nucleic_acid   240 
_refine_hist.pdbx_number_atoms_ligand         0 
_refine_hist.number_atoms_solvent             41 
_refine_hist.number_atoms_total               281 
_refine_hist.d_res_high                       1.53 
_refine_hist.d_res_low                        100 
# 
_struct.entry_id                  3QBA 
_struct.title                     'Reintroducing Electrostatics into Macromolecular Crystallographic Refinement: Z-DNA (X-ray)' 
_struct.pdbx_model_details        ? 
_struct.pdbx_CASP_flag            ? 
_struct.pdbx_model_type_details   ? 
# 
_struct_keywords.entry_id        3QBA 
_struct_keywords.pdbx_keywords   DNA 
_struct_keywords.text            'Z-DNA, DNA' 
# 
loop_
_struct_asym.id 
_struct_asym.pdbx_blank_PDB_chainid_flag 
_struct_asym.pdbx_modified 
_struct_asym.entity_id 
_struct_asym.details 
A N N 1 ? 
B N N 1 ? 
C N N 2 ? 
D N N 2 ? 
# 
_struct_ref.id                         1 
_struct_ref.db_name                    PDB 
_struct_ref.db_code                    3QBA 
_struct_ref.pdbx_db_accession          3QBA 
_struct_ref.entity_id                  1 
_struct_ref.pdbx_align_begin           ? 
_struct_ref.pdbx_seq_one_letter_code   CGCGCG 
_struct_ref.pdbx_db_isoform            ? 
# 
loop_
_struct_ref_seq.align_id 
_struct_ref_seq.ref_id 
_struct_ref_seq.pdbx_PDB_id_code 
_struct_ref_seq.pdbx_strand_id 
_struct_ref_seq.seq_align_beg 
_struct_ref_seq.pdbx_seq_align_beg_ins_code 
_struct_ref_seq.seq_align_end 
_struct_ref_seq.pdbx_seq_align_end_ins_code 
_struct_ref_seq.pdbx_db_accession 
_struct_ref_seq.db_align_beg 
_struct_ref_seq.pdbx_db_align_beg_ins_code 
_struct_ref_seq.db_align_end 
_struct_ref_seq.pdbx_db_align_end_ins_code 
_struct_ref_seq.pdbx_auth_seq_align_beg 
_struct_ref_seq.pdbx_auth_seq_align_end 
1 1 3QBA A 1 ? 6 ? 3QBA 1 ? 6  ? 1 6  
2 1 3QBA B 1 ? 6 ? 3QBA 7 ? 12 ? 7 12 
# 
_pdbx_struct_assembly.id                   1 
_pdbx_struct_assembly.details              author_and_software_defined_assembly 
_pdbx_struct_assembly.method_details       PISA 
_pdbx_struct_assembly.oligomeric_details   dimeric 
_pdbx_struct_assembly.oligomeric_count     2 
# 
loop_
_pdbx_struct_assembly_prop.biol_id 
_pdbx_struct_assembly_prop.type 
_pdbx_struct_assembly_prop.value 
_pdbx_struct_assembly_prop.details 
1 'ABSA (A^2)' 4290 ? 
1 MORE         -9   ? 
1 'SSA (A^2)'  4310 ? 
# 
_pdbx_struct_assembly_gen.assembly_id       1 
_pdbx_struct_assembly_gen.oper_expression   1 
_pdbx_struct_assembly_gen.asym_id_list      A,B,C,D 
# 
_pdbx_struct_oper_list.id                   1 
_pdbx_struct_oper_list.type                 'identity operation' 
_pdbx_struct_oper_list.name                 1_555 
_pdbx_struct_oper_list.symmetry_operation   x,y,z 
_pdbx_struct_oper_list.matrix[1][1]         1.0000000000 
_pdbx_struct_oper_list.matrix[1][2]         0.0000000000 
_pdbx_struct_oper_list.matrix[1][3]         0.0000000000 
_pdbx_struct_oper_list.vector[1]            0.0000000000 
_pdbx_struct_oper_list.matrix[2][1]         0.0000000000 
_pdbx_struct_oper_list.matrix[2][2]         1.0000000000 
_pdbx_struct_oper_list.matrix[2][3]         0.0000000000 
_pdbx_struct_oper_list.vector[2]            0.0000000000 
_pdbx_struct_oper_list.matrix[3][1]         0.0000000000 
_pdbx_struct_oper_list.matrix[3][2]         0.0000000000 
_pdbx_struct_oper_list.matrix[3][3]         1.0000000000 
_pdbx_struct_oper_list.vector[3]            0.0000000000 
# 
_struct_biol.id        1 
_struct_biol.details   ? 
# 
loop_
_struct_conn.id 
_struct_conn.conn_type_id 
_struct_conn.pdbx_leaving_atom_flag 
_struct_conn.pdbx_PDB_id 
_struct_conn.ptnr1_label_asym_id 
_struct_conn.ptnr1_label_comp_id 
_struct_conn.ptnr1_label_seq_id 
_struct_conn.ptnr1_label_atom_id 
_struct_conn.pdbx_ptnr1_label_alt_id 
_struct_conn.pdbx_ptnr1_PDB_ins_code 
_struct_conn.pdbx_ptnr1_standard_comp_id 
_struct_conn.ptnr1_symmetry 
_struct_conn.ptnr2_label_asym_id 
_struct_conn.ptnr2_label_comp_id 
_struct_conn.ptnr2_label_seq_id 
_struct_conn.ptnr2_label_atom_id 
_struct_conn.pdbx_ptnr2_label_alt_id 
_struct_conn.pdbx_ptnr2_PDB_ins_code 
_struct_conn.ptnr1_auth_asym_id 
_struct_conn.ptnr1_auth_comp_id 
_struct_conn.ptnr1_auth_seq_id 
_struct_conn.ptnr2_auth_asym_id 
_struct_conn.ptnr2_auth_comp_id 
_struct_conn.ptnr2_auth_seq_id 
_struct_conn.ptnr2_symmetry 
_struct_conn.pdbx_ptnr3_label_atom_id 
_struct_conn.pdbx_ptnr3_label_seq_id 
_struct_conn.pdbx_ptnr3_label_comp_id 
_struct_conn.pdbx_ptnr3_label_asym_id 
_struct_conn.pdbx_ptnr3_label_alt_id 
_struct_conn.pdbx_ptnr3_PDB_ins_code 
_struct_conn.details 
_struct_conn.pdbx_dist_value 
_struct_conn.pdbx_value_order 
_struct_conn.pdbx_role 
hydrog1  hydrog ? ? A DG 2 N1 ? ? ? 1_555 B DC 5 N3 ? ? A DG 2 B DC 11 1_555 ? ? ? ? ? ? WATSON-CRICK ? ? ? 
hydrog2  hydrog ? ? A DG 2 N2 ? ? ? 1_555 B DC 5 O2 ? ? A DG 2 B DC 11 1_555 ? ? ? ? ? ? WATSON-CRICK ? ? ? 
hydrog3  hydrog ? ? A DG 2 O6 ? ? ? 1_555 B DC 5 N4 ? ? A DG 2 B DC 11 1_555 ? ? ? ? ? ? WATSON-CRICK ? ? ? 
hydrog4  hydrog ? ? A DC 3 N3 ? ? ? 1_555 B DG 4 N1 ? ? A DC 3 B DG 10 1_555 ? ? ? ? ? ? WATSON-CRICK ? ? ? 
hydrog5  hydrog ? ? A DC 3 N4 ? ? ? 1_555 B DG 4 O6 ? ? A DC 3 B DG 10 1_555 ? ? ? ? ? ? WATSON-CRICK ? ? ? 
hydrog6  hydrog ? ? A DC 3 O2 ? ? ? 1_555 B DG 4 N2 ? ? A DC 3 B DG 10 1_555 ? ? ? ? ? ? WATSON-CRICK ? ? ? 
hydrog7  hydrog ? ? A DG 4 N1 ? ? ? 1_555 B DC 3 N3 ? ? A DG 4 B DC 9  1_555 ? ? ? ? ? ? WATSON-CRICK ? ? ? 
hydrog8  hydrog ? ? A DG 4 N2 ? ? ? 1_555 B DC 3 O2 ? ? A DG 4 B DC 9  1_555 ? ? ? ? ? ? WATSON-CRICK ? ? ? 
hydrog9  hydrog ? ? A DG 4 O6 ? ? ? 1_555 B DC 3 N4 ? ? A DG 4 B DC 9  1_555 ? ? ? ? ? ? WATSON-CRICK ? ? ? 
hydrog10 hydrog ? ? A DC 5 N3 ? ? ? 1_555 B DG 2 N1 ? ? A DC 5 B DG 8  1_555 ? ? ? ? ? ? WATSON-CRICK ? ? ? 
hydrog11 hydrog ? ? A DC 5 N4 ? ? ? 1_555 B DG 2 O6 ? ? A DC 5 B DG 8  1_555 ? ? ? ? ? ? WATSON-CRICK ? ? ? 
hydrog12 hydrog ? ? A DC 5 O2 ? ? ? 1_555 B DG 2 N2 ? ? A DC 5 B DG 8  1_555 ? ? ? ? ? ? WATSON-CRICK ? ? ? 
# 
_struct_conn_type.id          hydrog 
_struct_conn_type.criteria    ? 
_struct_conn_type.reference   ? 
# 
loop_
_pdbx_validate_rmsd_bond.id 
_pdbx_validate_rmsd_bond.PDB_model_num 
_pdbx_validate_rmsd_bond.auth_atom_id_1 
_pdbx_validate_rmsd_bond.auth_asym_id_1 
_pdbx_validate_rmsd_bond.auth_comp_id_1 
_pdbx_validate_rmsd_bond.auth_seq_id_1 
_pdbx_validate_rmsd_bond.PDB_ins_code_1 
_pdbx_validate_rmsd_bond.label_alt_id_1 
_pdbx_validate_rmsd_bond.auth_atom_id_2 
_pdbx_validate_rmsd_bond.auth_asym_id_2 
_pdbx_validate_rmsd_bond.auth_comp_id_2 
_pdbx_validate_rmsd_bond.auth_seq_id_2 
_pdbx_validate_rmsd_bond.PDB_ins_code_2 
_pdbx_validate_rmsd_bond.label_alt_id_2 
_pdbx_validate_rmsd_bond.bond_value 
_pdbx_validate_rmsd_bond.bond_target_value 
_pdbx_validate_rmsd_bond.bond_deviation 
_pdbx_validate_rmsd_bond.bond_standard_deviation 
_pdbx_validate_rmsd_bond.linker_flag 
1 1 N1    A DC 3 ? ? C6    A DC 3 ? ? 1.327 1.367 -0.040 0.006 N 
2 1 C5    A DG 6 ? ? N7    A DG 6 ? ? 1.350 1.388 -0.038 0.006 N 
3 1 "C4'" B DC 9 ? B "C3'" B DC 9 ? B 1.590 1.529 0.061  0.010 N 
# 
loop_
_pdbx_validate_rmsd_angle.id 
_pdbx_validate_rmsd_angle.PDB_model_num 
_pdbx_validate_rmsd_angle.auth_atom_id_1 
_pdbx_validate_rmsd_angle.auth_asym_id_1 
_pdbx_validate_rmsd_angle.auth_comp_id_1 
_pdbx_validate_rmsd_angle.auth_seq_id_1 
_pdbx_validate_rmsd_angle.PDB_ins_code_1 
_pdbx_validate_rmsd_angle.label_alt_id_1 
_pdbx_validate_rmsd_angle.auth_atom_id_2 
_pdbx_validate_rmsd_angle.auth_asym_id_2 
_pdbx_validate_rmsd_angle.auth_comp_id_2 
_pdbx_validate_rmsd_angle.auth_seq_id_2 
_pdbx_validate_rmsd_angle.PDB_ins_code_2 
_pdbx_validate_rmsd_angle.label_alt_id_2 
_pdbx_validate_rmsd_angle.auth_atom_id_3 
_pdbx_validate_rmsd_angle.auth_asym_id_3 
_pdbx_validate_rmsd_angle.auth_comp_id_3 
_pdbx_validate_rmsd_angle.auth_seq_id_3 
_pdbx_validate_rmsd_angle.PDB_ins_code_3 
_pdbx_validate_rmsd_angle.label_alt_id_3 
_pdbx_validate_rmsd_angle.angle_value 
_pdbx_validate_rmsd_angle.angle_target_value 
_pdbx_validate_rmsd_angle.angle_deviation 
_pdbx_validate_rmsd_angle.angle_standard_deviation 
_pdbx_validate_rmsd_angle.linker_flag 
1  1 "O3'" A DG 2  ? A P     A DC 3  ? A "O5'" A DC 3  ? A 88.69  104.00 -15.31 1.90 Y 
2  1 "O3'" A DG 2  ? A P     A DC 3  ? A OP2   A DC 3  ? A 123.08 110.50 12.58  1.10 Y 
3  1 "O4'" A DC 3  ? A "C1'" A DC 3  ? A N1    A DC 3  ? ? 110.23 108.30 1.93   0.30 N 
4  1 "O4'" A DG 4  ? ? "C1'" A DG 4  ? ? N9    A DG 4  ? ? 110.59 108.30 2.29   0.30 N 
5  1 C2    A DG 4  ? ? N3    A DG 4  ? ? C4    A DG 4  ? ? 108.84 111.90 -3.06  0.50 N 
6  1 N9    A DG 4  ? ? C4    A DG 4  ? ? C5    A DG 4  ? ? 102.82 105.40 -2.58  0.40 N 
7  1 "C1'" A DC 5  ? B "O4'" A DC 5  ? B "C4'" A DC 5  ? B 104.07 110.10 -6.03  1.00 N 
8  1 "O4'" A DC 5  ? B "C1'" A DC 5  ? B N1    A DC 5  ? ? 103.76 108.00 -4.24  0.70 N 
9  1 "O5'" A DG 6  ? ? "C5'" A DG 6  ? ? "C4'" A DG 6  ? ? 104.35 109.40 -5.05  0.80 N 
10 1 "O4'" B DG 8  ? ? "C1'" B DG 8  ? ? "C2'" B DG 8  ? ? 109.97 106.80 3.17   0.50 N 
11 1 "C3'" B DG 8  ? ? "O3'" B DG 8  ? B P     B DC 9  ? B 131.46 119.70 11.76  1.20 Y 
12 1 "O5'" B DC 9  ? B P     B DC 9  ? B OP1   B DC 9  ? B 126.22 110.70 15.52  1.20 N 
13 1 "O5'" B DC 9  ? B P     B DC 9  ? B OP2   B DC 9  ? B 95.54  105.70 -10.16 0.90 N 
14 1 "O4'" B DC 9  ? B "C1'" B DC 9  ? B "C2'" B DC 9  ? B 110.73 106.80 3.93   0.50 N 
15 1 "O4'" B DC 9  ? A "C1'" B DC 9  ? A N1    B DC 9  ? ? 112.07 108.30 3.77   0.30 N 
16 1 "O4'" B DC 9  ? B "C1'" B DC 9  ? B N1    B DC 9  ? ? 102.92 108.00 -5.08  0.70 N 
17 1 "O4'" B DG 10 ? ? "C4'" B DG 10 ? ? "C3'" B DG 10 ? ? 110.05 106.00 4.05   0.60 N 
18 1 N3    B DC 11 ? ? C4    B DC 11 ? ? C5    B DC 11 ? ? 125.62 121.90 3.72   0.40 N 
19 1 C5    B DG 12 ? ? N7    B DG 12 ? ? C8    B DG 12 ? ? 101.04 104.30 -3.26  0.50 N 
# 
loop_
_chem_comp_atom.comp_id 
_chem_comp_atom.atom_id 
_chem_comp_atom.type_symbol 
_chem_comp_atom.pdbx_aromatic_flag 
_chem_comp_atom.pdbx_stereo_config 
_chem_comp_atom.pdbx_ordinal 
DC  OP3    O N N 1   
DC  P      P N N 2   
DC  OP1    O N N 3   
DC  OP2    O N N 4   
DC  "O5'"  O N N 5   
DC  "C5'"  C N N 6   
DC  "C4'"  C N R 7   
DC  "O4'"  O N N 8   
DC  "C3'"  C N S 9   
DC  "O3'"  O N N 10  
DC  "C2'"  C N N 11  
DC  "C1'"  C N R 12  
DC  N1     N N N 13  
DC  C2     C N N 14  
DC  O2     O N N 15  
DC  N3     N N N 16  
DC  C4     C N N 17  
DC  N4     N N N 18  
DC  C5     C N N 19  
DC  C6     C N N 20  
DC  HOP3   H N N 21  
DC  HOP2   H N N 22  
DC  "H5'"  H N N 23  
DC  "H5''" H N N 24  
DC  "H4'"  H N N 25  
DC  "H3'"  H N N 26  
DC  "HO3'" H N N 27  
DC  "H2'"  H N N 28  
DC  "H2''" H N N 29  
DC  "H1'"  H N N 30  
DC  H41    H N N 31  
DC  H42    H N N 32  
DC  H5     H N N 33  
DC  H6     H N N 34  
DCZ N1     N N N 35  
DCZ C2     C N N 36  
DCZ N3     N N N 37  
DCZ C4     C N N 38  
DCZ C5     C N N 39  
DCZ C6     C N N 40  
DCZ O2     O N N 41  
DCZ N4     N N N 42  
DCZ "C1'"  C N R 43  
DCZ "C2'"  C N N 44  
DCZ "C3'"  C N S 45  
DCZ "C4'"  C N R 46  
DCZ "O4'"  O N N 47  
DCZ "O3'"  O N N 48  
DCZ "C5'"  C N N 49  
DCZ "O5'"  O N N 50  
DCZ H5     H N N 51  
DCZ H6     H N N 52  
DCZ HN41   H N N 53  
DCZ HN42   H N N 54  
DCZ "H1'"  H N N 55  
DCZ "H2'1" H N N 56  
DCZ "H2'2" H N N 57  
DCZ "H3'"  H N N 58  
DCZ "H4'"  H N N 59  
DCZ "HO3'" H N N 60  
DCZ "H5'1" H N N 61  
DCZ "H5'2" H N N 62  
DCZ HO51   H N N 63  
DG  OP3    O N N 64  
DG  P      P N N 65  
DG  OP1    O N N 66  
DG  OP2    O N N 67  
DG  "O5'"  O N N 68  
DG  "C5'"  C N N 69  
DG  "C4'"  C N R 70  
DG  "O4'"  O N N 71  
DG  "C3'"  C N S 72  
DG  "O3'"  O N N 73  
DG  "C2'"  C N N 74  
DG  "C1'"  C N R 75  
DG  N9     N Y N 76  
DG  C8     C Y N 77  
DG  N7     N Y N 78  
DG  C5     C Y N 79  
DG  C6     C N N 80  
DG  O6     O N N 81  
DG  N1     N N N 82  
DG  C2     C N N 83  
DG  N2     N N N 84  
DG  N3     N N N 85  
DG  C4     C Y N 86  
DG  HOP3   H N N 87  
DG  HOP2   H N N 88  
DG  "H5'"  H N N 89  
DG  "H5''" H N N 90  
DG  "H4'"  H N N 91  
DG  "H3'"  H N N 92  
DG  "HO3'" H N N 93  
DG  "H2'"  H N N 94  
DG  "H2''" H N N 95  
DG  "H1'"  H N N 96  
DG  H8     H N N 97  
DG  H1     H N N 98  
DG  H21    H N N 99  
DG  H22    H N N 100 
DOD O      O N N 101 
DOD D1     D N N 102 
DOD D2     D N N 103 
# 
loop_
_chem_comp_bond.comp_id 
_chem_comp_bond.atom_id_1 
_chem_comp_bond.atom_id_2 
_chem_comp_bond.value_order 
_chem_comp_bond.pdbx_aromatic_flag 
_chem_comp_bond.pdbx_stereo_config 
_chem_comp_bond.pdbx_ordinal 
DC  OP3   P      sing N N 1   
DC  OP3   HOP3   sing N N 2   
DC  P     OP1    doub N N 3   
DC  P     OP2    sing N N 4   
DC  P     "O5'"  sing N N 5   
DC  OP2   HOP2   sing N N 6   
DC  "O5'" "C5'"  sing N N 7   
DC  "C5'" "C4'"  sing N N 8   
DC  "C5'" "H5'"  sing N N 9   
DC  "C5'" "H5''" sing N N 10  
DC  "C4'" "O4'"  sing N N 11  
DC  "C4'" "C3'"  sing N N 12  
DC  "C4'" "H4'"  sing N N 13  
DC  "O4'" "C1'"  sing N N 14  
DC  "C3'" "O3'"  sing N N 15  
DC  "C3'" "C2'"  sing N N 16  
DC  "C3'" "H3'"  sing N N 17  
DC  "O3'" "HO3'" sing N N 18  
DC  "C2'" "C1'"  sing N N 19  
DC  "C2'" "H2'"  sing N N 20  
DC  "C2'" "H2''" sing N N 21  
DC  "C1'" N1     sing N N 22  
DC  "C1'" "H1'"  sing N N 23  
DC  N1    C2     sing N N 24  
DC  N1    C6     sing N N 25  
DC  C2    O2     doub N N 26  
DC  C2    N3     sing N N 27  
DC  N3    C4     doub N N 28  
DC  C4    N4     sing N N 29  
DC  C4    C5     sing N N 30  
DC  N4    H41    sing N N 31  
DC  N4    H42    sing N N 32  
DC  C5    C6     doub N N 33  
DC  C5    H5     sing N N 34  
DC  C6    H6     sing N N 35  
DCZ N1    C2     sing N N 36  
DCZ N1    C6     sing N N 37  
DCZ N1    "C1'"  sing N N 38  
DCZ C2    N3     sing N N 39  
DCZ C2    O2     doub N N 40  
DCZ N3    C4     doub N N 41  
DCZ C4    C5     sing N N 42  
DCZ C4    N4     sing N N 43  
DCZ C5    C6     doub N N 44  
DCZ C5    H5     sing N N 45  
DCZ C6    H6     sing N N 46  
DCZ N4    HN41   sing N N 47  
DCZ N4    HN42   sing N N 48  
DCZ "C1'" "C2'"  sing N N 49  
DCZ "C1'" "O4'"  sing N N 50  
DCZ "C1'" "H1'"  sing N N 51  
DCZ "C2'" "C3'"  sing N N 52  
DCZ "C2'" "H2'1" sing N N 53  
DCZ "C2'" "H2'2" sing N N 54  
DCZ "C3'" "C4'"  sing N N 55  
DCZ "C3'" "O3'"  sing N N 56  
DCZ "C3'" "H3'"  sing N N 57  
DCZ "C4'" "O4'"  sing N N 58  
DCZ "C4'" "C5'"  sing N N 59  
DCZ "C4'" "H4'"  sing N N 60  
DCZ "O3'" "HO3'" sing N N 61  
DCZ "C5'" "O5'"  sing N N 62  
DCZ "C5'" "H5'1" sing N N 63  
DCZ "C5'" "H5'2" sing N N 64  
DCZ "O5'" HO51   sing N N 65  
DG  OP3   P      sing N N 66  
DG  OP3   HOP3   sing N N 67  
DG  P     OP1    doub N N 68  
DG  P     OP2    sing N N 69  
DG  P     "O5'"  sing N N 70  
DG  OP2   HOP2   sing N N 71  
DG  "O5'" "C5'"  sing N N 72  
DG  "C5'" "C4'"  sing N N 73  
DG  "C5'" "H5'"  sing N N 74  
DG  "C5'" "H5''" sing N N 75  
DG  "C4'" "O4'"  sing N N 76  
DG  "C4'" "C3'"  sing N N 77  
DG  "C4'" "H4'"  sing N N 78  
DG  "O4'" "C1'"  sing N N 79  
DG  "C3'" "O3'"  sing N N 80  
DG  "C3'" "C2'"  sing N N 81  
DG  "C3'" "H3'"  sing N N 82  
DG  "O3'" "HO3'" sing N N 83  
DG  "C2'" "C1'"  sing N N 84  
DG  "C2'" "H2'"  sing N N 85  
DG  "C2'" "H2''" sing N N 86  
DG  "C1'" N9     sing N N 87  
DG  "C1'" "H1'"  sing N N 88  
DG  N9    C8     sing Y N 89  
DG  N9    C4     sing Y N 90  
DG  C8    N7     doub Y N 91  
DG  C8    H8     sing N N 92  
DG  N7    C5     sing Y N 93  
DG  C5    C6     sing N N 94  
DG  C5    C4     doub Y N 95  
DG  C6    O6     doub N N 96  
DG  C6    N1     sing N N 97  
DG  N1    C2     sing N N 98  
DG  N1    H1     sing N N 99  
DG  C2    N2     sing N N 100 
DG  C2    N3     doub N N 101 
DG  N2    H21    sing N N 102 
DG  N2    H22    sing N N 103 
DG  N3    C4     sing N N 104 
DOD O     D1     sing N N 105 
DOD O     D2     sing N N 106 
# 
_ndb_struct_conf_na.entry_id   3QBA 
_ndb_struct_conf_na.feature    'z-form double helix' 
# 
loop_
_ndb_struct_na_base_pair.model_number 
_ndb_struct_na_base_pair.i_label_asym_id 
_ndb_struct_na_base_pair.i_label_comp_id 
_ndb_struct_na_base_pair.i_label_seq_id 
_ndb_struct_na_base_pair.i_symmetry 
_ndb_struct_na_base_pair.j_label_asym_id 
_ndb_struct_na_base_pair.j_label_comp_id 
_ndb_struct_na_base_pair.j_label_seq_id 
_ndb_struct_na_base_pair.j_symmetry 
_ndb_struct_na_base_pair.shear 
_ndb_struct_na_base_pair.stretch 
_ndb_struct_na_base_pair.stagger 
_ndb_struct_na_base_pair.buckle 
_ndb_struct_na_base_pair.propeller 
_ndb_struct_na_base_pair.opening 
_ndb_struct_na_base_pair.pair_number 
_ndb_struct_na_base_pair.pair_name 
_ndb_struct_na_base_pair.i_auth_asym_id 
_ndb_struct_na_base_pair.i_auth_seq_id 
_ndb_struct_na_base_pair.i_PDB_ins_code 
_ndb_struct_na_base_pair.j_auth_asym_id 
_ndb_struct_na_base_pair.j_auth_seq_id 
_ndb_struct_na_base_pair.j_PDB_ins_code 
_ndb_struct_na_base_pair.hbond_type_28 
_ndb_struct_na_base_pair.hbond_type_12 
1 A DG 2 1_555 B DC 5 1_555 0.258  -0.195 -0.023 -5.542 1.011  3.019 1 A_DG2:DC11_B A 2 ? B 11 ? 19 1 
1 A DC 3 1_555 B DG 4 1_555 -0.340 -0.207 0.171  -0.029 -7.725 0.840 2 A_DC3:DG10_B A 3 ? B 10 ? 19 1 
1 A DG 4 1_555 B DC 3 1_555 0.260  -0.164 0.181  -5.129 0.425  1.257 3 A_DG4:DC9_B  A 4 ? B 9  ? 19 1 
1 A DC 5 1_555 B DG 2 1_555 -0.190 -0.148 0.262  1.607  -1.832 0.384 4 A_DC5:DG8_B  A 5 ? B 8  ? 19 1 
# 
loop_
_ndb_struct_na_base_pair_step.model_number 
_ndb_struct_na_base_pair_step.i_label_asym_id_1 
_ndb_struct_na_base_pair_step.i_label_comp_id_1 
_ndb_struct_na_base_pair_step.i_label_seq_id_1 
_ndb_struct_na_base_pair_step.i_symmetry_1 
_ndb_struct_na_base_pair_step.j_label_asym_id_1 
_ndb_struct_na_base_pair_step.j_label_comp_id_1 
_ndb_struct_na_base_pair_step.j_label_seq_id_1 
_ndb_struct_na_base_pair_step.j_symmetry_1 
_ndb_struct_na_base_pair_step.i_label_asym_id_2 
_ndb_struct_na_base_pair_step.i_label_comp_id_2 
_ndb_struct_na_base_pair_step.i_label_seq_id_2 
_ndb_struct_na_base_pair_step.i_symmetry_2 
_ndb_struct_na_base_pair_step.j_label_asym_id_2 
_ndb_struct_na_base_pair_step.j_label_comp_id_2 
_ndb_struct_na_base_pair_step.j_label_seq_id_2 
_ndb_struct_na_base_pair_step.j_symmetry_2 
_ndb_struct_na_base_pair_step.shift 
_ndb_struct_na_base_pair_step.slide 
_ndb_struct_na_base_pair_step.rise 
_ndb_struct_na_base_pair_step.tilt 
_ndb_struct_na_base_pair_step.roll 
_ndb_struct_na_base_pair_step.twist 
_ndb_struct_na_base_pair_step.x_displacement 
_ndb_struct_na_base_pair_step.y_displacement 
_ndb_struct_na_base_pair_step.helical_rise 
_ndb_struct_na_base_pair_step.inclination 
_ndb_struct_na_base_pair_step.tip 
_ndb_struct_na_base_pair_step.helical_twist 
_ndb_struct_na_base_pair_step.step_number 
_ndb_struct_na_base_pair_step.step_name 
_ndb_struct_na_base_pair_step.i_auth_asym_id_1 
_ndb_struct_na_base_pair_step.i_auth_seq_id_1 
_ndb_struct_na_base_pair_step.i_PDB_ins_code_1 
_ndb_struct_na_base_pair_step.j_auth_asym_id_1 
_ndb_struct_na_base_pair_step.j_auth_seq_id_1 
_ndb_struct_na_base_pair_step.j_PDB_ins_code_1 
_ndb_struct_na_base_pair_step.i_auth_asym_id_2 
_ndb_struct_na_base_pair_step.i_auth_seq_id_2 
_ndb_struct_na_base_pair_step.i_PDB_ins_code_2 
_ndb_struct_na_base_pair_step.j_auth_asym_id_2 
_ndb_struct_na_base_pair_step.j_auth_seq_id_2 
_ndb_struct_na_base_pair_step.j_PDB_ins_code_2 
1 A DG 2 1_555 B DC 5 1_555 A DC 3 1_555 B DG 4 1_555 -0.107 -1.110 3.371 -1.746 -4.929 -51.735 1.601   -0.241 3.255 5.632  -1.995 
-51.980 1 AA_DG2DC3:DG10DC11_BB A 2 ? B 11 ? A 3 ? B 10 ? 
1 A DC 3 1_555 B DG 4 1_555 A DG 4 1_555 B DC 3 1_555 0.129  5.366  3.734 0.150  -1.345 -6.382  -39.386 1.999  4.755 11.904 1.324  
-6.523  2 AA_DC3DG4:DC9DG10_BB  A 3 ? B 10 ? A 4 ? B 9  ? 
1 A DG 4 1_555 B DC 3 1_555 A DC 5 1_555 B DG 2 1_555 -0.103 -0.923 3.328 -0.405 -2.189 -53.019 1.175   -0.141 3.289 2.451  -0.453 
-53.063 3 AA_DG4DC5:DG8DC9_BB   A 4 ? B 9  ? A 5 ? B 8  ? 
# 
_atom_sites.entry_id                    3QBA 
_atom_sites.fract_transf_matrix[1][1]   -0.00689391 
_atom_sites.fract_transf_matrix[1][2]   -0.04932474 
_atom_sites.fract_transf_matrix[1][3]   -0.02530917 
_atom_sites.fract_transf_matrix[2][1]   0.03238380 
_atom_sites.fract_transf_matrix[2][2]   -0.00270359 
_atom_sites.fract_transf_matrix[2][3]   -0.00355195 
_atom_sites.fract_transf_matrix[3][1]   0.00131056 
_atom_sites.fract_transf_matrix[3][2]   -0.01036064 
_atom_sites.fract_transf_matrix[3][3]   0.01983473 
_atom_sites.fract_transf_vector[1]      0.783364 
_atom_sites.fract_transf_vector[2]      0.498460 
_atom_sites.fract_transf_vector[3]      0.632685 
# 
loop_
_atom_type.symbol 
C 
D 
H 
N 
O 
P 
# 
loop_
_atom_site.group_PDB 
_atom_site.id 
_atom_site.type_symbol 
_atom_site.label_atom_id 
_atom_site.label_alt_id 
_atom_site.label_comp_id 
_atom_site.label_asym_id 
_atom_site.label_entity_id 
_atom_site.label_seq_id 
_atom_site.pdbx_PDB_ins_code 
_atom_site.Cartn_x 
_atom_site.Cartn_y 
_atom_site.Cartn_z 
_atom_site.occupancy 
_atom_site.B_iso_or_equiv 
_atom_site.pdbx_formal_charge 
_atom_site.auth_seq_id 
_atom_site.auth_comp_id 
_atom_site.auth_asym_id 
_atom_site.auth_atom_id 
_atom_site.pdbx_PDB_model_num 
HETATM 1   N N1     . DCZ A 1 1 ? 1.174  2.595   -9.094  1.00 5.92  ? 1  DCZ A N1     1 
HETATM 2   C C2     . DCZ A 1 1 ? 1.191  3.904   -8.575  1.00 7.23  ? 1  DCZ A C2     1 
HETATM 3   N N3     . DCZ A 1 1 ? 2.377  4.521   -8.445  1.00 6.42  ? 1  DCZ A N3     1 
HETATM 4   C C4     . DCZ A 1 1 ? 3.465  3.839   -8.760  1.00 7.13  ? 1  DCZ A C4     1 
HETATM 5   C C5     . DCZ A 1 1 ? 3.498  2.512   -9.222  1.00 5.80  ? 1  DCZ A C5     1 
HETATM 6   C C6     . DCZ A 1 1 ? 2.307  1.952   -9.402  1.00 6.93  ? 1  DCZ A C6     1 
HETATM 7   O O2     . DCZ A 1 1 ? 0.108  4.468   -8.390  1.00 7.52  ? 1  DCZ A O2     1 
HETATM 8   N N4     . DCZ A 1 1 ? 4.641  4.471   -8.569  1.00 8.39  ? 1  DCZ A N4     1 
HETATM 9   C "C1'"  . DCZ A 1 1 ? -0.129 1.963   -9.313  1.00 8.96  ? 1  DCZ A "C1'"  1 
HETATM 10  C "C2'"  . DCZ A 1 1 ? -0.608 2.118   -10.754 1.00 8.41  ? 1  DCZ A "C2'"  1 
HETATM 11  C "C3'"  . DCZ A 1 1 ? -1.499 0.881   -10.858 1.00 9.45  ? 1  DCZ A "C3'"  1 
HETATM 12  C "C4'"  . DCZ A 1 1 ? -0.832 -0.147  -9.984  1.00 7.40  ? 1  DCZ A "C4'"  1 
HETATM 13  O "O4'"  . DCZ A 1 1 ? 0.064  0.545   -9.148  1.00 7.74  ? 1  DCZ A "O4'"  1 
HETATM 14  O "O3'"  . DCZ A 1 1 ? -2.731 1.190   -10.228 1.00 8.98  ? 1  DCZ A "O3'"  1 
HETATM 15  C "C5'"  . DCZ A 1 1 ? -0.030 -1.183  -10.712 1.00 8.14  ? 1  DCZ A "C5'"  1 
HETATM 16  O "O5'"  . DCZ A 1 1 ? 0.912  -0.631  -11.605 1.00 10.44 ? 1  DCZ A "O5'"  1 
HETATM 17  H H5     . DCZ A 1 1 ? 4.416  1.974   -9.371  1.00 5.49  ? 1  DCZ A H5     1 
HETATM 18  H H6     . DCZ A 1 1 ? 2.229  0.902   -9.662  1.00 5.83  ? 1  DCZ A H6     1 
HETATM 19  D DN41   . DCZ A 1 1 ? 5.507  4.148   -8.972  1.00 12.48 ? 1  DCZ A DN41   1 
HETATM 20  D DN42   . DCZ A 1 1 ? 4.654  5.280   -7.955  1.00 14.09 ? 1  DCZ A DN42   1 
HETATM 21  H "H1'"  . DCZ A 1 1 ? -0.847 2.313   -8.562  1.00 7.73  ? 1  DCZ A "H1'"  1 
HETATM 22  H "H2'1" . DCZ A 1 1 ? 0.251  2.123   -11.439 1.00 10.17 ? 1  DCZ A "H2'1" 1 
HETATM 23  H "H2'2" . DCZ A 1 1 ? -1.197 3.048   -10.810 1.00 10.56 ? 1  DCZ A "H2'2" 1 
HETATM 24  H "H3'"  . DCZ A 1 1 ? -1.563 0.552   -11.902 1.00 9.66  ? 1  DCZ A "H3'"  1 
HETATM 25  H "H4'"  . DCZ A 1 1 ? -1.576 -0.696  -9.385  1.00 8.07  ? 1  DCZ A "H4'"  1 
HETATM 26  H "H5'1" . DCZ A 1 1 ? 0.521  -1.771  -9.960  1.00 10.19 ? 1  DCZ A "H5'1" 1 
HETATM 27  H "H5'2" . DCZ A 1 1 ? -0.681 -1.889  -11.251 1.00 9.91  ? 1  DCZ A "H5'2" 1 
HETATM 28  D DO51   . DCZ A 1 1 ? 0.437  -0.436  -12.440 1.00 12.15 ? 1  DCZ A DO51   1 
ATOM   29  P P      . DG  A 1 2 ? -4.083 0.491   -10.639 1.00 10.55 ? 2  DG  A P      1 
ATOM   30  O OP1    . DG  A 1 2 ? -4.052 0.194   -12.085 1.00 10.80 ? 2  DG  A OP1    1 
ATOM   31  O OP2    . DG  A 1 2 ? -5.125 1.371   -10.081 1.00 14.23 ? 2  DG  A OP2    1 
ATOM   32  O "O5'"  . DG  A 1 2 ? -3.935 -0.892  -9.920  1.00 9.25  ? 2  DG  A "O5'"  1 
ATOM   33  C "C5'"  . DG  A 1 2 ? -4.146 -1.116  -8.546  1.00 8.67  ? 2  DG  A "C5'"  1 
ATOM   34  C "C4'"  . DG  A 1 2 ? -3.823 -2.568  -8.216  1.00 8.74  ? 2  DG  A "C4'"  1 
ATOM   35  O "O4'"  . DG  A 1 2 ? -2.532 -2.857  -8.744  1.00 8.24  ? 2  DG  A "O4'"  1 
ATOM   36  C "C3'"  . DG  A 1 2 ? -3.763 -2.725  -6.676  1.00 8.71  ? 2  DG  A "C3'"  1 
ATOM   37  O "O3'"  A DG  A 1 2 ? -5.013 -3.117  -6.146  0.50 7.11  ? 2  DG  A "O3'"  1 
ATOM   38  O "O3'"  B DG  A 1 2 ? -5.115 -2.928  -6.318  0.50 11.31 ? 2  DG  A "O3'"  1 
ATOM   39  C "C2'"  . DG  A 1 2 ? -2.773 -3.831  -6.570  1.00 8.50  ? 2  DG  A "C2'"  1 
ATOM   40  C "C1'"  . DG  A 1 2 ? -1.905 -3.738  -7.813  1.00 7.93  ? 2  DG  A "C1'"  1 
ATOM   41  N N9     . DG  A 1 2 ? -0.570 -3.243  -7.651  1.00 5.90  ? 2  DG  A N9     1 
ATOM   42  C C8     . DG  A 1 2 ? 0.597  -3.836  -8.034  1.00 7.80  ? 2  DG  A C8     1 
ATOM   43  N N7     . DG  A 1 2 ? 1.646  -3.114  -7.852  1.00 9.99  ? 2  DG  A N7     1 
ATOM   44  C C5     . DG  A 1 2 ? 1.156  -1.985  -7.236  1.00 6.35  ? 2  DG  A C5     1 
ATOM   45  C C6     . DG  A 1 2 ? 1.856  -0.862  -6.740  1.00 5.37  ? 2  DG  A C6     1 
ATOM   46  O O6     . DG  A 1 2 ? 3.075  -0.678  -6.810  1.00 7.08  ? 2  DG  A O6     1 
ATOM   47  N N1     . DG  A 1 2 ? 0.989  0.092   -6.252  1.00 5.21  ? 2  DG  A N1     1 
ATOM   48  C C2     . DG  A 1 2 ? -0.360 -0.004  -6.271  1.00 5.89  ? 2  DG  A C2     1 
ATOM   49  N N2     . DG  A 1 2 ? -1.016 1.054   -5.763  1.00 7.66  ? 2  DG  A N2     1 
ATOM   50  N N3     . DG  A 1 2 ? -1.019 -1.082  -6.609  1.00 5.71  ? 2  DG  A N3     1 
ATOM   51  C C4     . DG  A 1 2 ? -0.197 -2.004  -7.119  1.00 6.23  ? 2  DG  A C4     1 
ATOM   52  H "H5'"  . DG  A 1 2 ? -5.222 -0.991  -8.301  1.00 9.19  ? 2  DG  A "H5'"  1 
ATOM   53  H "H5''" . DG  A 1 2 ? -3.564 -0.422  -7.907  1.00 9.16  ? 2  DG  A "H5''" 1 
ATOM   54  H "H4'"  . DG  A 1 2 ? -4.591 -3.256  -8.640  1.00 9.54  ? 2  DG  A "H4'"  1 
ATOM   55  H "H3'"  . DG  A 1 2 ? -3.332 -1.813  -6.238  1.00 7.94  ? 2  DG  A "H3'"  1 
ATOM   56  H "H2'"  . DG  A 1 2 ? -2.208 -3.760  -5.631  1.00 9.83  ? 2  DG  A "H2'"  1 
ATOM   57  H "H2''" . DG  A 1 2 ? -3.250 -4.817  -6.471  1.00 10.41 ? 2  DG  A "H2''" 1 
ATOM   58  H "H1'"  . DG  A 1 2 ? -1.847 -4.728  -8.302  1.00 8.70  ? 2  DG  A "H1'"  1 
ATOM   59  D D8     . DG  A 1 2 ? 0.643  -4.842  -8.444  1.00 11.29 ? 2  DG  A D8     1 
ATOM   60  D D1     . DG  A 1 2 ? 1.334  1.005   -5.849  1.00 8.19  ? 2  DG  A D1     1 
ATOM   61  D D21    . DG  A 1 2 ? -2.026 1.066   -5.814  1.00 11.49 ? 2  DG  A D21    1 
ATOM   62  D D22    . DG  A 1 2 ? -0.531 1.804   -5.289  1.00 10.54 ? 2  DG  A D22    1 
ATOM   63  P P      A DC  A 1 3 ? -5.881 -2.098  -5.281  0.50 3.46  ? 3  DC  A P      1 
ATOM   64  P P      B DC  A 1 3 ? -5.599 -3.368  -4.915  0.50 14.28 ? 3  DC  A P      1 
ATOM   65  O OP1    A DC  A 1 3 ? -7.194 -2.736  -5.086  0.50 8.81  ? 3  DC  A OP1    1 
ATOM   66  O OP1    B DC  A 1 3 ? -4.882 -4.599  -4.571  0.50 14.29 ? 3  DC  A OP1    1 
ATOM   67  O OP2    A DC  A 1 3 ? -5.857 -0.650  -5.491  0.50 7.09  ? 3  DC  A OP2    1 
ATOM   68  O OP2    B DC  A 1 3 ? -7.069 -3.252  -4.904  0.50 13.77 ? 3  DC  A OP2    1 
ATOM   69  O "O5'"  A DC  A 1 3 ? -4.904 -2.383  -4.035  0.50 6.89  ? 3  DC  A "O5'"  1 
ATOM   70  O "O5'"  B DC  A 1 3 ? -4.900 -2.325  -3.948  0.50 12.61 ? 3  DC  A "O5'"  1 
ATOM   71  C "C5'"  A DC  A 1 3 ? -5.463 -2.246  -2.696  0.50 6.23  ? 3  DC  A "C5'"  1 
ATOM   72  C "C5'"  B DC  A 1 3 ? -5.266 -2.493  -2.538  0.50 10.31 ? 3  DC  A "C5'"  1 
ATOM   73  C "C4'"  A DC  A 1 3 ? -4.756 -1.230  -1.838  0.50 6.40  ? 3  DC  A "C4'"  1 
ATOM   74  C "C4'"  B DC  A 1 3 ? -4.668 -1.385  -1.706  0.50 9.58  ? 3  DC  A "C4'"  1 
ATOM   75  O "O4'"  A DC  A 1 3 ? -3.423 -1.663  -1.589  0.50 5.75  ? 3  DC  A "O4'"  1 
ATOM   76  O "O4'"  B DC  A 1 3 ? -3.290 -1.810  -1.627  0.50 8.03  ? 3  DC  A "O4'"  1 
ATOM   77  C "C3'"  A DC  A 1 3 ? -4.715 0.156   -2.450  0.50 8.31  ? 3  DC  A "C3'"  1 
ATOM   78  C "C3'"  B DC  A 1 3 ? -4.707 -0.005  -2.318  0.50 10.09 ? 3  DC  A "C3'"  1 
ATOM   79  O "O3'"  A DC  A 1 3 ? -4.724 1.076   -1.384  0.50 10.23 ? 3  DC  A "O3'"  1 
ATOM   80  O "O3'"  B DC  A 1 3 ? -4.791 0.958   -1.279  0.50 11.50 ? 3  DC  A "O3'"  1 
ATOM   81  C "C2'"  A DC  A 1 3 ? -3.265 0.138   -3.031  0.50 7.46  ? 3  DC  A "C2'"  1 
ATOM   82  C "C2'"  B DC  A 1 3 ? -3.256 0.185   -2.838  0.50 8.85  ? 3  DC  A "C2'"  1 
ATOM   83  C "C1'"  A DC  A 1 3 ? -2.531 -0.625  -1.966  0.50 7.04  ? 3  DC  A "C1'"  1 
ATOM   84  C "C1'"  B DC  A 1 3 ? -2.500 -0.662  -1.858  0.50 8.22  ? 3  DC  A "C1'"  1 
ATOM   85  N N1     . DC  A 1 3 ? -1.278 -1.192  -2.466  1.00 6.02  ? 3  DC  A N1     1 
ATOM   86  C C2     . DC  A 1 3 ? -0.109 -0.486  -2.321  1.00 5.59  ? 3  DC  A C2     1 
ATOM   87  O O2     . DC  A 1 3 ? -0.202 0.663   -1.883  1.00 7.77  ? 3  DC  A O2     1 
ATOM   88  N N3     . DC  A 1 3 ? 1.019  -0.987  -2.846  1.00 5.92  ? 3  DC  A N3     1 
ATOM   89  C C4     . DC  A 1 3 ? 0.963  -2.155  -3.463  1.00 5.62  ? 3  DC  A C4     1 
ATOM   90  N N4     . DC  A 1 3 ? 2.125  -2.622  -3.958  1.00 6.42  ? 3  DC  A N4     1 
ATOM   91  C C5     . DC  A 1 3 ? -0.214 -2.857  -3.700  1.00 5.29  ? 3  DC  A C5     1 
ATOM   92  C C6     . DC  A 1 3 ? -1.312 -2.318  -3.165  1.00 5.52  ? 3  DC  A C6     1 
ATOM   93  H "H5'"  A DC  A 1 3 ? -5.499 -3.219  -2.183  0.50 6.58  ? 3  DC  A "H5'"  1 
ATOM   94  H "H5'"  B DC  A 1 3 ? -4.895 -3.440  -2.097  0.50 11.27 ? 3  DC  A "H5'"  1 
ATOM   95  H "H5''" A DC  A 1 3 ? -6.512 -1.892  -2.714  0.50 6.15  ? 3  DC  A "H5''" 1 
ATOM   96  H "H5''" B DC  A 1 3 ? -6.383 -2.592  -2.418  0.50 10.73 ? 3  DC  A "H5''" 1 
ATOM   97  H "H4'"  A DC  A 1 3 ? -5.261 -1.216  -0.856  0.50 5.94  ? 3  DC  A "H4'"  1 
ATOM   98  H "H4'"  B DC  A 1 3 ? -5.085 -1.398  -0.695  0.50 8.56  ? 3  DC  A "H4'"  1 
ATOM   99  H "H3'"  A DC  A 1 3 ? -5.519 0.292   -3.200  0.50 8.93  ? 3  DC  A "H3'"  1 
ATOM   100 H "H3'"  B DC  A 1 3 ? -5.458 -0.009  -3.136  0.50 10.63 ? 3  DC  A "H3'"  1 
ATOM   101 H "H2'"  A DC  A 1 3 ? -3.262 -0.463  -3.936  0.50 7.47  ? 3  DC  A "H2'"  1 
ATOM   102 H "H2'"  B DC  A 1 3 ? -3.276 -0.228  -3.832  0.50 8.27  ? 3  DC  A "H2'"  1 
ATOM   103 H "H2''" A DC  A 1 3 ? -2.915 1.170   -3.196  0.50 7.49  ? 3  DC  A "H2''" 1 
ATOM   104 H "H2''" B DC  A 1 3 ? -3.073 1.255   -2.910  0.50 8.70  ? 3  DC  A "H2''" 1 
ATOM   105 H "H1'"  A DC  A 1 3 ? -2.299 -0.014  -1.078  0.50 6.69  ? 3  DC  A "H1'"  1 
ATOM   106 H "H1'"  B DC  A 1 3 ? -2.214 -0.130  -0.941  0.50 7.96  ? 3  DC  A "H1'"  1 
ATOM   107 D D41    . DC  A 1 3 ? 2.162  -3.482  -4.509  1.00 8.91  ? 3  DC  A D41    1 
ATOM   108 D D42    . DC  A 1 3 ? 2.972  -2.082  -3.837  1.00 8.91  ? 3  DC  A D42    1 
ATOM   109 H H5     . DC  A 1 3 ? -0.255 -3.826  -4.161  1.00 8.04  ? 3  DC  A H5     1 
ATOM   110 H H6     . DC  A 1 3 ? -2.252 -2.858  -3.142  1.00 5.64  ? 3  DC  A H6     1 
ATOM   111 P P      . DG  A 1 4 ? -6.067 1.860   -1.028  1.00 13.96 ? 4  DG  A P      1 
ATOM   112 O OP1    . DG  A 1 4 ? -6.818 2.085   -2.268  1.00 14.72 ? 4  DG  A OP1    1 
ATOM   113 O OP2    . DG  A 1 4 ? -5.628 2.917   -0.102  1.00 17.71 ? 4  DG  A OP2    1 
ATOM   114 O "O5'"  . DG  A 1 4 ? -6.862 0.739   -0.219  1.00 10.17 ? 4  DG  A "O5'"  1 
ATOM   115 C "C5'"  . DG  A 1 4 ? -6.427 0.407   1.097   1.00 9.21  ? 4  DG  A "C5'"  1 
ATOM   116 C "C4'"  . DG  A 1 4 ? -7.264 -0.768  1.597   1.00 7.06  ? 4  DG  A "C4'"  1 
ATOM   117 O "O4'"  . DG  A 1 4 ? -7.237 -1.829  0.650   1.00 7.25  ? 4  DG  A "O4'"  1 
ATOM   118 C "C3'"  . DG  A 1 4 ? -6.861 -1.296  2.967   1.00 8.13  ? 4  DG  A "C3'"  1 
ATOM   119 O "O3'"  A DG  A 1 4 ? -7.628 -0.616  3.923   0.50 7.70  ? 4  DG  A "O3'"  1 
ATOM   120 O "O3'"  B DG  A 1 4 ? -7.673 -0.586  3.902   0.50 9.60  ? 4  DG  A "O3'"  1 
ATOM   121 C "C2'"  . DG  A 1 4 ? -7.206 -2.748  2.868   1.00 7.72  ? 4  DG  A "C2'"  1 
ATOM   122 C "C1'"  . DG  A 1 4 ? -7.121 -3.070  1.384   1.00 6.46  ? 4  DG  A "C1'"  1 
ATOM   123 N N9     . DG  A 1 4 ? -6.012 -3.822  0.921   1.00 5.79  ? 4  DG  A N9     1 
ATOM   124 C C8     . DG  A 1 4 ? -6.035 -5.002  0.244   1.00 7.42  ? 4  DG  A C8     1 
ATOM   125 N N7     . DG  A 1 4 ? -4.871 -5.444  -0.096  1.00 9.85  ? 4  DG  A N7     1 
ATOM   126 C C5     . DG  A 1 4 ? -4.016 -4.454  0.339   1.00 6.90  ? 4  DG  A C5     1 
ATOM   127 C C6     . DG  A 1 4 ? -2.638 -4.349  0.168   1.00 6.34  ? 4  DG  A C6     1 
ATOM   128 O O6     . DG  A 1 4 ? -1.904 -5.111  -0.448  1.00 7.77  ? 4  DG  A O6     1 
ATOM   129 N N1     . DG  A 1 4 ? -2.104 -3.196  0.787   1.00 6.18  ? 4  DG  A N1     1 
ATOM   130 C C2     . DG  A 1 4 ? -2.886 -2.229  1.387   1.00 6.97  ? 4  DG  A C2     1 
ATOM   131 N N2     . DG  A 1 4 ? -2.246 -1.122  1.814   1.00 6.83  ? 4  DG  A N2     1 
ATOM   132 N N3     . DG  A 1 4 ? -4.221 -2.263  1.506   1.00 5.84  ? 4  DG  A N3     1 
ATOM   133 C C4     . DG  A 1 4 ? -4.676 -3.421  0.982   1.00 5.94  ? 4  DG  A C4     1 
ATOM   134 H "H5'"  . DG  A 1 4 ? -6.546 1.248   1.812   1.00 9.41  ? 4  DG  A "H5'"  1 
ATOM   135 H "H5''" . DG  A 1 4 ? -5.372 0.080   1.080   1.00 8.81  ? 4  DG  A "H5''" 1 
ATOM   136 H "H4'"  . DG  A 1 4 ? -8.323 -0.432  1.705   1.00 6.69  ? 4  DG  A "H4'"  1 
ATOM   137 H "H3'"  . DG  A 1 4 ? -5.783 -1.150  3.124   1.00 7.28  ? 4  DG  A "H3'"  1 
ATOM   138 H "H2'"  . DG  A 1 4 ? -6.664 -3.439  3.532   1.00 9.69  ? 4  DG  A "H2'"  1 
ATOM   139 H "H2''" . DG  A 1 4 ? -8.275 -2.853  3.128   1.00 8.64  ? 4  DG  A "H2''" 1 
ATOM   140 H "H1'"  . DG  A 1 4 ? -7.988 -3.683  1.098   1.00 5.69  ? 4  DG  A "H1'"  1 
ATOM   141 D D8     . DG  A 1 4 ? -6.977 -5.517  0.042   1.00 11.51 ? 4  DG  A D8     1 
ATOM   142 D D1     . DG  A 1 4 ? -1.103 -2.961  0.547   1.00 11.60 ? 4  DG  A D1     1 
ATOM   143 D D21    . DG  A 1 4 ? -2.813 -0.334  2.117   1.00 9.58  ? 4  DG  A D21    1 
ATOM   144 D D22    . DG  A 1 4 ? -1.259 -1.034  1.739   1.00 9.35  ? 4  DG  A D22    1 
ATOM   145 P P      A DC  A 1 5 ? -7.507 -0.970  5.480   0.50 5.74  ? 5  DC  A P      1 
ATOM   146 P P      B DC  A 1 5 ? -7.100 0.596   4.864   0.50 11.41 ? 5  DC  A P      1 
ATOM   147 O OP1    A DC  A 1 5 ? -7.456 -2.439  5.547   0.50 8.22  ? 5  DC  A OP1    1 
ATOM   148 O OP1    B DC  A 1 5 ? -8.251 1.052   5.689   0.50 11.24 ? 5  DC  A OP1    1 
ATOM   149 O OP2    A DC  A 1 5 ? -8.570 -0.117  5.990   0.50 8.50  ? 5  DC  A OP2    1 
ATOM   150 O OP2    B DC  A 1 5 ? -6.158 1.537   4.261   0.50 11.41 ? 5  DC  A OP2    1 
ATOM   151 O "O5'"  A DC  A 1 5 ? -6.069 -0.335  5.774   0.50 7.52  ? 5  DC  A "O5'"  1 
ATOM   152 O "O5'"  B DC  A 1 5 ? -6.127 -0.387  5.656   0.50 10.59 ? 5  DC  A "O5'"  1 
ATOM   153 C "C5'"  A DC  A 1 5 ? -5.735 -0.202  7.186   0.50 7.51  ? 5  DC  A "C5'"  1 
ATOM   154 C "C5'"  B DC  A 1 5 ? -5.707 -0.072  6.995   0.50 10.09 ? 5  DC  A "C5'"  1 
ATOM   155 C "C4'"  A DC  A 1 5 ? -4.244 -0.140  7.407   0.50 7.83  ? 5  DC  A "C4'"  1 
ATOM   156 C "C4'"  B DC  A 1 5 ? -4.212 -0.066  7.136   0.50 9.66  ? 5  DC  A "C4'"  1 
ATOM   157 O "O4'"  A DC  A 1 5 ? -3.687 -1.450  7.155   0.50 7.70  ? 5  DC  A "O4'"  1 
ATOM   158 O "O4'"  B DC  A 1 5 ? -3.784 -1.421  6.946   0.50 8.89  ? 5  DC  A "O4'"  1 
ATOM   159 C "C3'"  A DC  A 1 5 ? -3.577 0.796   6.422   0.50 9.09  ? 5  DC  A "C3'"  1 
ATOM   160 C "C3'"  B DC  A 1 5 ? -3.484 0.816   6.142   0.50 10.29 ? 5  DC  A "C3'"  1 
ATOM   161 O "O3'"  A DC  A 1 5 ? -2.414 1.265   7.114   0.50 10.17 ? 5  DC  A "O3'"  1 
ATOM   162 O "O3'"  B DC  A 1 5 ? -2.381 1.331   6.924   0.50 11.17 ? 5  DC  A "O3'"  1 
ATOM   163 C "C2'"  A DC  A 1 5 ? -3.112 -0.130  5.314   0.50 7.30  ? 5  DC  A "C2'"  1 
ATOM   164 C "C2'"  B DC  A 1 5 ? -3.000 -0.166  5.101   0.50 8.88  ? 5  DC  A "C2'"  1 
ATOM   165 C "C1'"  A DC  A 1 5 ? -2.688 -1.352  6.110   0.50 7.59  ? 5  DC  A "C1'"  1 
ATOM   166 C "C1'"  B DC  A 1 5 ? -2.704 -1.317  6.021   0.50 8.56  ? 5  DC  A "C1'"  1 
ATOM   167 N N1     . DC  A 1 5 ? -2.735 -2.578  5.313   1.00 6.77  ? 5  DC  A N1     1 
ATOM   168 C C2     . DC  A 1 5 ? -1.548 -3.077  4.783   1.00 5.16  ? 5  DC  A C2     1 
ATOM   169 O O2     . DC  A 1 5 ? -0.535 -2.378  4.886   1.00 6.81  ? 5  DC  A O2     1 
ATOM   170 N N3     . DC  A 1 5 ? -1.590 -4.239  4.115   1.00 6.75  ? 5  DC  A N3     1 
ATOM   171 C C4     . DC  A 1 5 ? -2.746 -4.843  3.925   1.00 7.09  ? 5  DC  A C4     1 
ATOM   172 N N4     . DC  A 1 5 ? -2.749 -5.918  3.105   1.00 8.50  ? 5  DC  A N4     1 
ATOM   173 C C5     . DC  A 1 5 ? -3.971 -4.360  4.410   1.00 7.58  ? 5  DC  A C5     1 
ATOM   174 C C6     . DC  A 1 5 ? -3.913 -3.229  5.100   1.00 5.63  ? 5  DC  A C6     1 
ATOM   175 H "H5'"  A DC  A 1 5 ? -6.080 -1.054  7.795   0.50 8.04  ? 5  DC  A "H5'"  1 
ATOM   176 H "H5'"  B DC  A 1 5 ? -5.976 -0.930  7.617   0.50 10.45 ? 5  DC  A "H5'"  1 
ATOM   177 H "H5''" A DC  A 1 5 ? -6.194 0.696   7.643   0.50 7.46  ? 5  DC  A "H5''" 1 
ATOM   178 H "H5''" B DC  A 1 5 ? -6.126 0.842   7.449   0.50 10.27 ? 5  DC  A "H5''" 1 
ATOM   179 H "H4'"  A DC  A 1 5 ? -4.030 0.120   8.462   0.50 7.69  ? 5  DC  A "H4'"  1 
ATOM   180 H "H4'"  B DC  A 1 5 ? -3.755 0.235   8.089   0.50 9.95  ? 5  DC  A "H4'"  1 
ATOM   181 H "H3'"  A DC  A 1 5 ? -4.271 1.572   6.035   0.50 8.43  ? 5  DC  A "H3'"  1 
ATOM   182 H "H3'"  B DC  A 1 5 ? -4.142 1.589   5.680   0.50 10.02 ? 5  DC  A "H3'"  1 
ATOM   183 H "H2'"  A DC  A 1 5 ? -3.895 -0.350  4.576   0.50 7.58  ? 5  DC  A "H2'"  1 
ATOM   184 H "H2'"  B DC  A 1 5 ? -3.811 -0.423  4.397   0.50 9.01  ? 5  DC  A "H2'"  1 
ATOM   185 H "H2''" A DC  A 1 5 ? -2.259 0.309   4.776   0.50 7.78  ? 5  DC  A "H2''" 1 
ATOM   186 H "H2''" B DC  A 1 5 ? -2.207 0.308   4.498   0.50 9.35  ? 5  DC  A "H2''" 1 
ATOM   187 H "H1'"  A DC  A 1 5 ? -1.701 -1.285  6.594   0.50 7.30  ? 5  DC  A "H1'"  1 
ATOM   188 H "H1'"  B DC  A 1 5 ? -1.844 -1.029  6.630   0.50 8.39  ? 5  DC  A "H1'"  1 
ATOM   189 D D41    . DC  A 1 5 ? -3.612 -6.401  2.913   1.00 12.85 ? 5  DC  A D41    1 
ATOM   190 D D42    . DC  A 1 5 ? -1.925 -6.219  2.599   1.00 11.81 ? 5  DC  A D42    1 
ATOM   191 H H5     . DC  A 1 5 ? -4.880 -4.924  4.271   1.00 5.20  ? 5  DC  A H5     1 
ATOM   192 H H6     . DC  A 1 5 ? -4.775 -2.831  5.610   1.00 5.83  ? 5  DC  A H6     1 
ATOM   193 P P      . DG  A 1 6 ? -2.406 2.769   7.581   1.00 14.87 ? 6  DG  A P      1 
ATOM   194 O OP1    . DG  A 1 6 ? -3.161 3.646   6.698   1.00 12.67 ? 6  DG  A OP1    1 
ATOM   195 O OP2    . DG  A 1 6 ? -0.993 2.944   7.983   1.00 17.02 ? 6  DG  A OP2    1 
ATOM   196 O "O5'"  . DG  A 1 6 ? -3.296 2.646   8.880   1.00 10.30 ? 6  DG  A "O5'"  1 
ATOM   197 C "C5'"  . DG  A 1 6 ? -2.721 2.170   10.077  1.00 9.30  ? 6  DG  A "C5'"  1 
ATOM   198 C "C4'"  . DG  A 1 6 ? -3.851 2.242   11.092  1.00 7.77  ? 6  DG  A "C4'"  1 
ATOM   199 O "O4'"  . DG  A 1 6 ? -4.866 1.307   10.664  1.00 6.48  ? 6  DG  A "O4'"  1 
ATOM   200 C "C3'"  . DG  A 1 6 ? -3.403 1.832   12.508  1.00 9.67  ? 6  DG  A "C3'"  1 
ATOM   201 O "O3'"  . DG  A 1 6 ? -4.149 2.572   13.485  1.00 8.92  ? 6  DG  A "O3'"  1 
ATOM   202 C "C2'"  . DG  A 1 6 ? -3.687 0.376   12.520  1.00 7.29  ? 6  DG  A "C2'"  1 
ATOM   203 C "C1'"  . DG  A 1 6 ? -4.939 0.277   11.693  1.00 6.90  ? 6  DG  A "C1'"  1 
ATOM   204 N N9     . DG  A 1 6 ? -5.208 -0.968  11.011  1.00 6.68  ? 6  DG  A N9     1 
ATOM   205 C C8     . DG  A 1 6 ? -6.391 -1.623  10.876  1.00 6.31  ? 6  DG  A C8     1 
ATOM   206 N N7     . DG  A 1 6 ? -6.365 -2.680  10.126  1.00 7.37  ? 6  DG  A N7     1 
ATOM   207 C C5     . DG  A 1 6 ? -5.057 -2.800  9.814   1.00 7.32  ? 6  DG  A C5     1 
ATOM   208 C C6     . DG  A 1 6 ? -4.388 -3.844  9.092   1.00 7.08  ? 6  DG  A C6     1 
ATOM   209 O O6     . DG  A 1 6 ? -4.923 -4.796  8.498   1.00 6.53  ? 6  DG  A O6     1 
ATOM   210 N N1     . DG  A 1 6 ? -3.033 -3.634  9.043   1.00 5.69  ? 6  DG  A N1     1 
ATOM   211 C C2     . DG  A 1 6 ? -2.412 -2.536  9.540   1.00 7.79  ? 6  DG  A C2     1 
ATOM   212 N N2     . DG  A 1 6 ? -1.122 -2.432  9.250   1.00 8.16  ? 6  DG  A N2     1 
ATOM   213 N N3     . DG  A 1 6 ? -2.964 -1.586  10.280  1.00 6.32  ? 6  DG  A N3     1 
ATOM   214 C C4     . DG  A 1 6 ? -4.298 -1.763  10.330  1.00 6.84  ? 6  DG  A C4     1 
ATOM   215 H "H5'"  . DG  A 1 6 ? -1.901 2.824   10.425  1.00 10.52 ? 6  DG  A "H5'"  1 
ATOM   216 H "H5''" . DG  A 1 6 ? -2.343 1.148   9.947   1.00 10.93 ? 6  DG  A "H5''" 1 
ATOM   217 H "H4'"  . DG  A 1 6 ? -4.222 3.279   11.169  1.00 8.92  ? 6  DG  A "H4'"  1 
ATOM   218 H "H3'"  . DG  A 1 6 ? -2.320 1.984   12.665  1.00 8.64  ? 6  DG  A "H3'"  1 
ATOM   219 D "DO3'" . DG  A 1 6 ? -4.027 2.056   14.299  1.00 14.04 ? 6  DG  A "DO3'" 1 
ATOM   220 H "H2'"  . DG  A 1 6 ? -2.874 -0.120  11.965  1.00 8.42  ? 6  DG  A "H2'"  1 
ATOM   221 H "H2''" . DG  A 1 6 ? -3.783 -0.088  13.514  1.00 7.72  ? 6  DG  A "H2''" 1 
ATOM   222 H "H1'"  . DG  A 1 6 ? -5.806 0.473   12.333  1.00 7.85  ? 6  DG  A "H1'"  1 
ATOM   223 D D8     . DG  A 1 6 ? -7.246 -1.258  11.426  1.00 11.18 ? 6  DG  A D8     1 
ATOM   224 D D1     . DG  A 1 6 ? -2.473 -4.365  8.533   1.00 11.81 ? 6  DG  A D1     1 
ATOM   225 D D21    . DG  A 1 6 ? -0.598 -1.650  9.625   1.00 8.40  ? 6  DG  A D21    1 
ATOM   226 D D22    . DG  A 1 6 ? -0.639 -3.268  8.900   1.00 11.31 ? 6  DG  A D22    1 
HETATM 227 N N1     . DCZ B 1 1 ? 0.477  -6.250  6.464   1.00 5.22  ? 7  DCZ B N1     1 
HETATM 228 C C2     . DCZ B 1 1 ? -0.281 -5.328  7.170   1.00 5.65  ? 7  DCZ B C2     1 
HETATM 229 N N3     . DCZ B 1 1 ? -1.603 -5.537  7.306   1.00 6.24  ? 7  DCZ B N3     1 
HETATM 230 C C4     . DCZ B 1 1 ? -2.125 -6.591  6.714   1.00 7.26  ? 7  DCZ B C4     1 
HETATM 231 C C5     . DCZ B 1 1 ? -1.380 -7.599  6.039   1.00 6.31  ? 7  DCZ B C5     1 
HETATM 232 C C6     . DCZ B 1 1 ? -0.089 -7.371  5.954   1.00 5.17  ? 7  DCZ B C6     1 
HETATM 233 O O2     . DCZ B 1 1 ? 0.342  -4.436  7.732   1.00 5.47  ? 7  DCZ B O2     1 
HETATM 234 N N4     . DCZ B 1 1 ? -3.453 -6.767  6.838   1.00 8.44  ? 7  DCZ B N4     1 
HETATM 235 C "C1'"  . DCZ B 1 1 ? 1.901  -6.039  6.384   1.00 6.71  ? 7  DCZ B "C1'"  1 
HETATM 236 C "C2'"  . DCZ B 1 1 ? 2.662  -6.824  7.486   1.00 8.30  ? 7  DCZ B "C2'"  1 
HETATM 237 C "C3'"  . DCZ B 1 1 ? 3.995  -6.993  6.801   1.00 10.30 ? 7  DCZ B "C3'"  1 
HETATM 238 C "C4'"  . DCZ B 1 1 ? 3.632  -7.115  5.327   1.00 8.66  ? 7  DCZ B "C4'"  1 
HETATM 239 O "O4'"  . DCZ B 1 1 ? 2.299  -6.628  5.133   1.00 7.96  ? 7  DCZ B "O4'"  1 
HETATM 240 O "O3'"  . DCZ B 1 1 ? 4.686  -5.782  6.973   1.00 9.81  ? 7  DCZ B "O3'"  1 
HETATM 241 C "C5'"  . DCZ B 1 1 ? 3.685  -8.548  4.844   1.00 11.05 ? 7  DCZ B "C5'"  1 
HETATM 242 O "O5'"  . DCZ B 1 1 ? 2.936  -9.508  5.583   1.00 14.84 ? 7  DCZ B "O5'"  1 
HETATM 243 H H5     . DCZ B 1 1 ? -1.827 -8.530  5.750   1.00 6.79  ? 7  DCZ B H5     1 
HETATM 244 H H6     . DCZ B 1 1 ? 0.602  -8.150  5.644   1.00 5.80  ? 7  DCZ B H6     1 
HETATM 245 D DN41   . DCZ B 1 1 ? -3.902 -7.452  6.223   1.00 12.37 ? 7  DCZ B DN41   1 
HETATM 246 D DN42   . DCZ B 1 1 ? -4.028 -6.119  7.372   1.00 11.98 ? 7  DCZ B DN42   1 
HETATM 247 H "H1'"  . DCZ B 1 1 ? 2.114  -4.963  6.413   1.00 8.01  ? 7  DCZ B "H1'"  1 
HETATM 248 H "H2'1" . DCZ B 1 1 ? 2.169  -7.766  7.722   1.00 9.81  ? 7  DCZ B "H2'1" 1 
HETATM 249 H "H2'2" . DCZ B 1 1 ? 2.798  -6.215  8.391   1.00 7.67  ? 7  DCZ B "H2'2" 1 
HETATM 250 H "H3'"  . DCZ B 1 1 ? 4.544  -7.879  7.157   1.00 9.04  ? 7  DCZ B "H3'"  1 
HETATM 251 H "H4'"  . DCZ B 1 1 ? 4.302  -6.502  4.709   1.00 9.59  ? 7  DCZ B "H4'"  1 
HETATM 252 H "H5'1" . DCZ B 1 1 ? 3.317  -8.550  3.810   1.00 11.91 ? 7  DCZ B "H5'1" 1 
HETATM 253 H "H5'2" . DCZ B 1 1 ? 4.753  -8.839  4.835   1.00 11.33 ? 7  DCZ B "H5'2" 1 
HETATM 254 D DO51   . DCZ B 1 1 ? 3.627  -9.901  6.179   1.00 18.68 ? 7  DCZ B DO51   1 
ATOM   255 P P      . DG  B 1 2 ? 6.262  -5.683  7.086   1.00 11.03 ? 8  DG  B P      1 
ATOM   256 O OP1    . DG  B 1 2 ? 6.770  -6.873  7.761   1.00 11.66 ? 8  DG  B OP1    1 
ATOM   257 O OP2    . DG  B 1 2 ? 6.694  -4.388  7.633   1.00 13.29 ? 8  DG  B OP2    1 
ATOM   258 O "O5'"  . DG  B 1 2 ? 6.662  -5.738  5.542   1.00 8.75  ? 8  DG  B "O5'"  1 
ATOM   259 C "C5'"  . DG  B 1 2 ? 6.394  -4.640  4.682   1.00 8.98  ? 8  DG  B "C5'"  1 
ATOM   260 C "C4'"  . DG  B 1 2 ? 6.707  -5.000  3.248   1.00 6.83  ? 8  DG  B "C4'"  1 
ATOM   261 O "O4'"  . DG  B 1 2 ? 6.105  -6.255  2.919   1.00 8.02  ? 8  DG  B "O4'"  1 
ATOM   262 C "C3'"  . DG  B 1 2 ? 6.282  -3.973  2.165   1.00 8.74  ? 8  DG  B "C3'"  1 
ATOM   263 O "O3'"  A DG  B 1 2 ? 7.365  -3.123  1.999   0.50 8.73  ? 8  DG  B "O3'"  1 
ATOM   264 O "O3'"  B DG  B 1 2 ? 7.484  -3.315  1.714   0.50 12.15 ? 8  DG  B "O3'"  1 
ATOM   265 C "C2'"  . DG  B 1 2 ? 5.957  -4.833  0.964   1.00 8.74  ? 8  DG  B "C2'"  1 
ATOM   266 C "C1'"  . DG  B 1 2 ? 5.643  -6.191  1.554   1.00 7.83  ? 8  DG  B "C1'"  1 
ATOM   267 N N9     . DG  B 1 2 ? 4.273  -6.585  1.503   1.00 5.71  ? 8  DG  B N9     1 
ATOM   268 C C8     . DG  B 1 2 ? 3.778  -7.729  0.980   1.00 8.03  ? 8  DG  B C8     1 
ATOM   269 N N7     . DG  B 1 2 ? 2.497  -7.863  1.065   1.00 6.85  ? 8  DG  B N7     1 
ATOM   270 C C5     . DG  B 1 2 ? 2.139  -6.724  1.746   1.00 4.37  ? 8  DG  B C5     1 
ATOM   271 C C6     . DG  B 1 2 ? 0.861  -6.315  2.173   1.00 5.56  ? 8  DG  B C6     1 
ATOM   272 O O6     . DG  B 1 2 ? -0.191 -6.939  2.088   1.00 6.79  ? 8  DG  B O6     1 
ATOM   273 N N1     . DG  B 1 2 ? 0.910  -5.125  2.844   1.00 5.80  ? 8  DG  B N1     1 
ATOM   274 C C2     . DG  B 1 2 ? 2.052  -4.417  3.085   1.00 5.34  ? 8  DG  B C2     1 
ATOM   275 N N2     . DG  B 1 2 ? 1.901  -3.314  3.820   1.00 7.03  ? 8  DG  B N2     1 
ATOM   276 N N3     . DG  B 1 2 ? 3.253  -4.734  2.648   1.00 5.40  ? 8  DG  B N3     1 
ATOM   277 C C4     . DG  B 1 2 ? 3.208  -5.905  2.020   1.00 4.80  ? 8  DG  B C4     1 
ATOM   278 H "H5'"  . DG  B 1 2 ? 6.953  -3.711  4.950   1.00 8.59  ? 8  DG  B "H5'"  1 
ATOM   279 H "H5''" . DG  B 1 2 ? 5.314  -4.407  4.698   1.00 7.67  ? 8  DG  B "H5''" 1 
ATOM   280 H "H4'"  . DG  B 1 2 ? 7.802  -5.109  3.160   1.00 7.53  ? 8  DG  B "H4'"  1 
ATOM   281 H "H3'"  . DG  B 1 2 ? 5.392  -3.419  2.510   1.00 8.76  ? 8  DG  B "H3'"  1 
ATOM   282 H "H2'"  . DG  B 1 2 ? 5.141  -4.410  0.347   1.00 9.24  ? 8  DG  B "H2'"  1 
ATOM   283 H "H2''" . DG  B 1 2 ? 6.865  -4.931  0.349   1.00 7.88  ? 8  DG  B "H2''" 1 
ATOM   284 H "H1'"  . DG  B 1 2 ? 6.125  -6.995  0.985   1.00 7.91  ? 8  DG  B "H1'"  1 
ATOM   285 D D8     . DG  B 1 2 ? 4.456  -8.443  0.518   1.00 9.26  ? 8  DG  B D8     1 
ATOM   286 D D1     . DG  B 1 2 ? -0.041 -4.768  3.132   1.00 7.48  ? 8  DG  B D1     1 
ATOM   287 D D21    . DG  B 1 2 ? 2.685  -2.776  4.186   1.00 10.36 ? 8  DG  B D21    1 
ATOM   288 D D22    . DG  B 1 2 ? 0.975  -2.982  4.010   1.00 9.88  ? 8  DG  B D22    1 
ATOM   289 P P      A DC  B 1 3 ? 7.362  -1.687  2.651   0.50 7.66  ? 9  DC  B P      1 
ATOM   290 P P      B DC  B 1 3 ? 7.818  -1.772  1.473   0.50 12.94 ? 9  DC  B P      1 
ATOM   291 O OP1    A DC  B 1 3 ? 8.774  -1.197  2.455   0.50 7.49  ? 9  DC  B OP1    1 
ATOM   292 O OP1    B DC  B 1 3 ? 9.097  -1.568  0.705   0.50 13.24 ? 9  DC  B OP1    1 
ATOM   293 O OP2    A DC  B 1 3 ? 6.612  -1.538  3.881   0.50 8.13  ? 9  DC  B OP2    1 
ATOM   294 O OP2    B DC  B 1 3 ? 7.910  -1.323  2.872   0.50 16.14 ? 9  DC  B OP2    1 
ATOM   295 O "O5'"  A DC  B 1 3 ? 6.398  -1.042  1.590   0.50 5.46  ? 9  DC  B "O5'"  1 
ATOM   296 O "O5'"  B DC  B 1 3 ? 6.451  -1.084  1.183   0.50 11.68 ? 9  DC  B "O5'"  1 
ATOM   297 C "C5'"  A DC  B 1 3 ? 6.547  0.295   1.117   0.50 6.08  ? 9  DC  B "C5'"  1 
ATOM   298 C "C5'"  B DC  B 1 3 ? 6.435  0.223   0.668   0.50 9.79  ? 9  DC  B "C5'"  1 
ATOM   299 C "C4'"  A DC  B 1 3 ? 5.204  1.049   1.167   0.50 4.63  ? 9  DC  B "C4'"  1 
ATOM   300 C "C4'"  B DC  B 1 3 ? 5.090  0.919   0.985   0.50 8.23  ? 9  DC  B "C4'"  1 
ATOM   301 O "O4'"  A DC  B 1 3 ? 4.265  0.372   0.288   0.50 5.52  ? 9  DC  B "O4'"  1 
ATOM   302 O "O4'"  B DC  B 1 3 ? 4.097  0.271   0.188   0.50 8.16  ? 9  DC  B "O4'"  1 
ATOM   303 C "C3'"  A DC  B 1 3 ? 4.678  0.942   2.597   0.50 4.78  ? 9  DC  B "C3'"  1 
ATOM   304 C "C3'"  B DC  B 1 3 ? 4.538  0.997   2.474   0.50 7.59  ? 9  DC  B "C3'"  1 
ATOM   305 O "O3'"  A DC  B 1 3 ? 3.916  2.100   2.938   0.50 7.13  ? 9  DC  B "O3'"  1 
ATOM   306 O "O3'"  B DC  B 1 3 ? 3.946  2.287   2.591   0.50 9.00  ? 9  DC  B "O3'"  1 
ATOM   307 C "C2'"  A DC  B 1 3 ? 3.759  -0.302  2.502   0.50 2.51  ? 9  DC  B "C2'"  1 
ATOM   308 C "C2'"  B DC  B 1 3 ? 3.315  0.048   2.498   0.50 6.09  ? 9  DC  B "C2'"  1 
ATOM   309 C "C1'"  A DC  B 1 3 ? 3.150  -0.108  1.115   0.50 3.56  ? 9  DC  B "C1'"  1 
ATOM   310 C "C1'"  B DC  B 1 3 ? 2.949  0.012   0.994   0.50 5.78  ? 9  DC  B "C1'"  1 
ATOM   311 N N1     . DC  B 1 3 ? 2.553  -1.313  0.577   1.00 5.85  ? 9  DC  B N1     1 
ATOM   312 C C2     . DC  B 1 3 ? 1.200  -1.551  0.701   1.00 6.09  ? 9  DC  B C2     1 
ATOM   313 O O2     . DC  B 1 3 ? 0.550  -0.690  1.312   1.00 7.43  ? 9  DC  B O2     1 
ATOM   314 N N3     . DC  B 1 3 ? 0.711  -2.706  0.255   1.00 4.79  ? 9  DC  B N3     1 
ATOM   315 C C4     . DC  B 1 3 ? 1.515  -3.551  -0.353  1.00 6.44  ? 9  DC  B C4     1 
ATOM   316 N N4     . DC  B 1 3 ? 0.962  -4.649  -0.899  1.00 7.80  ? 9  DC  B N4     1 
ATOM   317 C C5     . DC  B 1 3 ? 2.886  -3.302  -0.596  1.00 6.18  ? 9  DC  B C5     1 
ATOM   318 C C6     . DC  B 1 3 ? 3.372  -2.199  -0.074  1.00 4.55  ? 9  DC  B C6     1 
ATOM   319 H "H5'"  A DC  B 1 3 ? 6.922  0.257   0.078   0.50 6.18  ? 9  DC  B "H5'"  1 
ATOM   320 H "H5'"  B DC  B 1 3 ? 6.577  0.140   -0.422  0.50 9.89  ? 9  DC  B "H5'"  1 
ATOM   321 H "H5''" A DC  B 1 3 ? 7.256  0.895   1.713   0.50 6.26  ? 9  DC  B "H5''" 1 
ATOM   322 H "H5''" B DC  B 1 3 ? 7.265  0.872   1.032   0.50 10.41 ? 9  DC  B "H5''" 1 
ATOM   323 H "H4'"  A DC  B 1 3 ? 5.363  2.078   0.801   0.50 5.44  ? 9  DC  B "H4'"  1 
ATOM   324 H "H4'"  B DC  B 1 3 ? 5.235  1.859   0.453   0.50 8.50  ? 9  DC  B "H4'"  1 
ATOM   325 H "H3'"  A DC  B 1 3 ? 5.508  0.777   3.308   0.50 4.95  ? 9  DC  B "H3'"  1 
ATOM   326 H "H3'"  B DC  B 1 3 ? 5.078  0.702   3.424   0.50 8.10  ? 9  DC  B "H3'"  1 
ATOM   327 H "H2'"  A DC  B 1 3 ? 4.220  -1.305  2.537   0.50 1.99  ? 9  DC  B "H2'"  1 
ATOM   328 H "H2'"  B DC  B 1 3 ? 3.427  -1.030  2.759   0.50 6.09  ? 9  DC  B "H2'"  1 
ATOM   329 H "H2''" A DC  B 1 3 ? 2.900  -0.092  3.157   0.50 1.00  ? 9  DC  B "H2''" 1 
ATOM   330 H "H2''" B DC  B 1 3 ? 2.649  0.517   3.275   0.50 4.70  ? 9  DC  B "H2''" 1 
ATOM   331 H "H1'"  A DC  B 1 3 ? 2.396  0.689   1.162   0.50 4.33  ? 9  DC  B "H1'"  1 
ATOM   332 H "H1'"  B DC  B 1 3 ? 2.155  0.717   0.737   0.50 7.13  ? 9  DC  B "H1'"  1 
ATOM   333 D D41    . DC  B 1 3 ? 1.504  -5.364  -1.349  1.00 9.72  ? 9  DC  B D41    1 
ATOM   334 D D42    . DC  B 1 3 ? -0.055 -4.699  -0.953  1.00 8.53  ? 9  DC  B D42    1 
ATOM   335 H H5     . DC  B 1 3 ? 3.496  -3.947  -1.198  1.00 8.03  ? 9  DC  B H5     1 
ATOM   336 H H6     . DC  B 1 3 ? 4.401  -1.866  -0.199  1.00 6.32  ? 9  DC  B H6     1 
ATOM   337 P P      . DG  B 1 4 ? 4.616  3.441   3.438   1.00 9.42  ? 10 DG  B P      1 
ATOM   338 O OP1    . DG  B 1 4 ? 5.513  2.995   4.530   1.00 9.37  ? 10 DG  B OP1    1 
ATOM   339 O OP2    . DG  B 1 4 ? 3.507  4.378   3.713   1.00 11.65 ? 10 DG  B OP2    1 
ATOM   340 O "O5'"  . DG  B 1 4 ? 5.620  3.990   2.317   1.00 7.14  ? 10 DG  B "O5'"  1 
ATOM   341 C "C5'"  . DG  B 1 4 ? 5.016  4.645   1.221   1.00 7.64  ? 10 DG  B "C5'"  1 
ATOM   342 C "C4'"  . DG  B 1 4 ? 6.052  5.010   0.215   1.00 6.00  ? 10 DG  B "C4'"  1 
ATOM   343 O "O4'"  . DG  B 1 4 ? 6.818  3.871   -0.171  1.00 6.99  ? 10 DG  B "O4'"  1 
ATOM   344 C "C3'"  . DG  B 1 4 ? 5.418  5.664   -1.026  1.00 8.03  ? 10 DG  B "C3'"  1 
ATOM   345 O "O3'"  . DG  B 1 4 ? 5.471  7.097   -0.880  1.00 11.91 ? 10 DG  B "O3'"  1 
ATOM   346 C "C2'"  . DG  B 1 4 ? 6.367  5.236   -2.106  1.00 8.65  ? 10 DG  B "C2'"  1 
ATOM   347 C "C1'"  . DG  B 1 4 ? 7.045  3.970   -1.577  1.00 7.56  ? 10 DG  B "C1'"  1 
ATOM   348 N N9     . DG  B 1 4 ? 6.717  2.714   -2.167  1.00 6.12  ? 10 DG  B N9     1 
ATOM   349 C C8     . DG  B 1 4 ? 7.541  1.790   -2.725  1.00 8.33  ? 10 DG  B C8     1 
ATOM   350 N N7     . DG  B 1 4 ? 6.974  0.668   -3.067  1.00 8.34  ? 10 DG  B N7     1 
ATOM   351 C C5     . DG  B 1 4 ? 5.635  0.917   -2.830  1.00 7.25  ? 10 DG  B C5     1 
ATOM   352 C C6     . DG  B 1 4 ? 4.491  0.099   -3.028  1.00 7.89  ? 10 DG  B C6     1 
ATOM   353 O O6     . DG  B 1 4 ? 4.472  -1.034  -3.515  1.00 8.65  ? 10 DG  B O6     1 
ATOM   354 N N1     . DG  B 1 4 ? 3.313  0.743   -2.607  1.00 8.14  ? 10 DG  B N1     1 
ATOM   355 C C2     . DG  B 1 4 ? 3.290  1.971   -2.047  1.00 7.22  ? 10 DG  B C2     1 
ATOM   356 N N2     . DG  B 1 4 ? 2.094  2.373   -1.592  1.00 7.25  ? 10 DG  B N2     1 
ATOM   357 N N3     . DG  B 1 4 ? 4.339  2.756   -1.870  1.00 7.03  ? 10 DG  B N3     1 
ATOM   358 C C4     . DG  B 1 4 ? 5.446  2.183   -2.287  1.00 6.44  ? 10 DG  B C4     1 
ATOM   359 H "H5'"  . DG  B 1 4 ? 4.497  5.564   1.558   1.00 8.68  ? 10 DG  B "H5'"  1 
ATOM   360 H "H5''" . DG  B 1 4 ? 4.243  4.006   0.770   1.00 8.00  ? 10 DG  B "H5''" 1 
ATOM   361 H "H4'"  . DG  B 1 4 ? 6.716  5.779   0.647   1.00 6.75  ? 10 DG  B "H4'"  1 
ATOM   362 H "H3'"  . DG  B 1 4 ? 4.400  5.269   -1.185  1.00 9.15  ? 10 DG  B "H3'"  1 
ATOM   363 H "H2'"  . DG  B 1 4 ? 5.859  5.040   -3.056  1.00 10.27 ? 10 DG  B "H2'"  1 
ATOM   364 H "H2''" . DG  B 1 4 ? 7.109  6.032   -2.239  1.00 8.96  ? 10 DG  B "H2''" 1 
ATOM   365 H "H1'"  . DG  B 1 4 ? 8.134  4.068   -1.710  1.00 7.34  ? 10 DG  B "H1'"  1 
ATOM   366 D D8     . DG  B 1 4 ? 8.606  1.979   -2.829  1.00 12.42 ? 10 DG  B D8     1 
ATOM   367 D D1     . DG  B 1 4 ? 2.418  0.180   -2.582  1.00 11.96 ? 10 DG  B D1     1 
ATOM   368 D D21    . DG  B 1 4 ? 2.065  3.071   -0.862  1.00 8.92  ? 10 DG  B D21    1 
ATOM   369 D D22    . DG  B 1 4 ? 1.247  1.802   -1.761  1.00 10.84 ? 10 DG  B D22    1 
ATOM   370 P P      . DC  B 1 5 ? 4.133  7.928   -0.827  1.00 14.27 ? 11 DC  B P      1 
ATOM   371 O OP1    . DC  B 1 5 ? 4.573  9.344   -0.697  1.00 14.61 ? 11 DC  B OP1    1 
ATOM   372 O OP2    . DC  B 1 5 ? 3.131  7.374   0.099   1.00 14.73 ? 11 DC  B OP2    1 
ATOM   373 O "O5'"  . DC  B 1 5 ? 3.702  7.662   -2.315  1.00 11.31 ? 11 DC  B "O5'"  1 
ATOM   374 C "C5'"  . DC  B 1 5 ? 2.913  8.618   -3.038  1.00 7.29  ? 11 DC  B "C5'"  1 
ATOM   375 C "C4'"  . DC  B 1 5 ? 1.592  8.031   -3.552  1.00 5.26  ? 11 DC  B "C4'"  1 
ATOM   376 O "O4'"  . DC  B 1 5 ? 1.960  7.075   -4.537  1.00 7.49  ? 11 DC  B "O4'"  1 
ATOM   377 C "C3'"  . DC  B 1 5 ? 0.763  7.287   -2.469  1.00 7.84  ? 11 DC  B "C3'"  1 
ATOM   378 O "O3'"  . DC  B 1 5 ? -0.586 7.573   -2.750  1.00 9.58  ? 11 DC  B "O3'"  1 
ATOM   379 C "C2'"  . DC  B 1 5 ? 1.074  5.816   -2.729  1.00 7.29  ? 11 DC  B "C2'"  1 
ATOM   380 C "C1'"  . DC  B 1 5 ? 1.302  5.838   -4.260  1.00 6.88  ? 11 DC  B "C1'"  1 
ATOM   381 N N1     . DC  B 1 5 ? 2.162  4.742   -4.695  1.00 5.40  ? 11 DC  B N1     1 
ATOM   382 C C2     . DC  B 1 5 ? 1.583  3.536   -5.000  1.00 4.27  ? 11 DC  B C2     1 
ATOM   383 O O2     . DC  B 1 5 ? 0.370  3.430   -4.849  1.00 5.97  ? 11 DC  B O2     1 
ATOM   384 N N3     . DC  B 1 5 ? 2.360  2.544   -5.479  1.00 6.55  ? 11 DC  B N3     1 
ATOM   385 C C4     . DC  B 1 5 ? 3.642  2.756   -5.567  1.00 6.03  ? 11 DC  B C4     1 
ATOM   386 N N4     . DC  B 1 5 ? 4.391  1.747   -6.006  1.00 7.43  ? 11 DC  B N4     1 
ATOM   387 C C5     . DC  B 1 5 ? 4.294  3.944   -5.233  1.00 6.17  ? 11 DC  B C5     1 
ATOM   388 C C6     . DC  B 1 5 ? 3.509  4.896   -4.762  1.00 5.86  ? 11 DC  B C6     1 
ATOM   389 H "H5'"  . DC  B 1 5 ? 3.484  8.977   -3.911  1.00 7.04  ? 11 DC  B "H5'"  1 
ATOM   390 H "H5''" . DC  B 1 5 ? 2.630  9.517   -2.448  1.00 7.48  ? 11 DC  B "H5''" 1 
ATOM   391 H "H4'"  . DC  B 1 5 ? 1.002  8.812   -4.061  1.00 6.68  ? 11 DC  B "H4'"  1 
ATOM   392 H "H3'"  . DC  B 1 5 ? 1.073  7.543   -1.441  1.00 9.18  ? 11 DC  B "H3'"  1 
ATOM   393 H "H2'"  . DC  B 1 5 ? 1.959  5.499   -2.147  1.00 7.80  ? 11 DC  B "H2'"  1 
ATOM   394 H "H2''" . DC  B 1 5 ? 0.221  5.164   -2.448  1.00 6.91  ? 11 DC  B "H2''" 1 
ATOM   395 H "H1'"  . DC  B 1 5 ? 0.367  5.748   -4.818  1.00 9.26  ? 11 DC  B "H1'"  1 
ATOM   396 D D41    . DC  B 1 5 ? 5.378  1.852   -6.089  1.00 9.15  ? 11 DC  B D41    1 
ATOM   397 D D42    . DC  B 1 5 ? 3.856  0.957   -6.438  1.00 8.79  ? 11 DC  B D42    1 
ATOM   398 H H5     . DC  B 1 5 ? 5.353  4.061   -5.366  1.00 4.67  ? 11 DC  B H5     1 
ATOM   399 H H6     . DC  B 1 5 ? 3.896  5.867   -4.504  1.00 7.56  ? 11 DC  B H6     1 
ATOM   400 P P      . DG  B 1 6 ? -1.325 8.696   -1.922  1.00 11.56 ? 12 DG  B P      1 
ATOM   401 O OP1    . DG  B 1 6 ? -0.889 8.590   -0.525  1.00 11.24 ? 12 DG  B OP1    1 
ATOM   402 O OP2    . DG  B 1 6 ? -2.750 8.683   -2.300  1.00 14.81 ? 12 DG  B OP2    1 
ATOM   403 O "O5'"  . DG  B 1 6 ? -0.670 10.029  -2.490  1.00 8.42  ? 12 DG  B "O5'"  1 
ATOM   404 C "C5'"  . DG  B 1 6 ? -1.134 10.631  -3.698  1.00 8.71  ? 12 DG  B "C5'"  1 
ATOM   405 C "C4'"  . DG  B 1 6 ? -0.323 11.850  -3.966  1.00 7.01  ? 12 DG  B "C4'"  1 
ATOM   406 O "O4'"  . DG  B 1 6 ? 1.029  11.434  -4.185  1.00 6.10  ? 12 DG  B "O4'"  1 
ATOM   407 C "C3'"  . DG  B 1 6 ? -0.755 12.636  -5.220  1.00 6.78  ? 12 DG  B "C3'"  1 
ATOM   408 O "O3'"  . DG  B 1 6 ? -0.466 14.050  -5.094  1.00 10.87 ? 12 DG  B "O3'"  1 
ATOM   409 C "C2'"  . DG  B 1 6 ? 0.149  12.068  -6.305  1.00 7.38  ? 12 DG  B "C2'"  1 
ATOM   410 C "C1'"  . DG  B 1 6 ? 1.415  11.886  -5.487  1.00 4.77  ? 12 DG  B "C1'"  1 
ATOM   411 N N9     . DG  B 1 6 ? 2.384  10.949  -5.993  1.00 6.29  ? 12 DG  B N9     1 
ATOM   412 C C8     . DG  B 1 6 ? 3.720  11.101  -6.024  1.00 6.64  ? 12 DG  B C8     1 
ATOM   413 N N7     . DG  B 1 6 ? 4.401  10.080  -6.482  1.00 6.27  ? 12 DG  B N7     1 
ATOM   414 C C5     . DG  B 1 6 ? 3.359  9.193   -6.823  1.00 5.22  ? 12 DG  B C5     1 
ATOM   415 C C6     . DG  B 1 6 ? 3.448  7.859   -7.298  1.00 6.19  ? 12 DG  B C6     1 
ATOM   416 O O6     . DG  B 1 6 ? 4.489  7.276   -7.573  1.00 6.12  ? 12 DG  B O6     1 
ATOM   417 N N1     . DG  B 1 6 ? 2.220  7.267   -7.444  1.00 5.66  ? 12 DG  B N1     1 
ATOM   418 C C2     . DG  B 1 6 ? 1.018  7.874   -7.114  1.00 6.54  ? 12 DG  B C2     1 
ATOM   419 N N2     . DG  B 1 6 ? -0.067 7.126   -7.352  1.00 7.70  ? 12 DG  B N2     1 
ATOM   420 N N3     . DG  B 1 6 ? 0.905  9.108   -6.627  1.00 6.90  ? 12 DG  B N3     1 
ATOM   421 C C4     . DG  B 1 6 ? 2.104  9.686   -6.496  1.00 4.93  ? 12 DG  B C4     1 
ATOM   422 H "H5'"  . DG  B 1 6 ? -2.180 10.945  -3.559  1.00 9.05  ? 12 DG  B "H5'"  1 
ATOM   423 H "H5''" . DG  B 1 6 ? -1.092 9.941   -4.554  1.00 10.58 ? 12 DG  B "H5''" 1 
ATOM   424 H "H4'"  . DG  B 1 6 ? -0.387 12.542  -3.093  1.00 7.43  ? 12 DG  B "H4'"  1 
ATOM   425 H "H3'"  . DG  B 1 6 ? -1.833 12.468  -5.372  1.00 8.73  ? 12 DG  B "H3'"  1 
ATOM   426 D "DO3'" . DG  B 1 6 ? -1.093 14.351  -4.392  1.00 15.38 ? 12 DG  B "DO3'" 1 
ATOM   427 H "H2'"  . DG  B 1 6 ? -0.289 11.121  -6.669  1.00 7.74  ? 12 DG  B "H2'"  1 
ATOM   428 H "H2''" . DG  B 1 6 ? 0.366  12.750  -7.148  1.00 7.38  ? 12 DG  B "H2''" 1 
ATOM   429 H "H1'"  . DG  B 1 6 ? 1.987  12.811  -5.363  1.00 7.29  ? 12 DG  B "H1'"  1 
ATOM   430 D D8     . DG  B 1 6 ? 4.170  12.042  -5.738  1.00 11.35 ? 12 DG  B D8     1 
ATOM   431 D D1     . DG  B 1 6 ? 2.215  6.278   -7.817  1.00 11.45 ? 12 DG  B D1     1 
ATOM   432 D D21    . DG  B 1 6 ? -0.979 7.490   -7.129  1.00 11.49 ? 12 DG  B D21    1 
ATOM   433 D D22    . DG  B 1 6 ? 0.057  6.170   -7.657  1.00 11.72 ? 12 DG  B D22    1 
HETATM 434 O O      . DOD C 2 . ? -7.019 2.413   9.271   1.00 18.04 ? 7  DOD A O      1 
HETATM 435 D D1     . DOD C 2 . ? -6.477 3.126   8.923   1.00 20.65 ? 7  DOD A D1     1 
HETATM 436 D D2     . DOD C 2 . ? -6.454 1.827   9.784   1.00 20.12 ? 7  DOD A D2     1 
HETATM 437 O O      . DOD C 2 . ? -3.449 1.691   2.392   1.00 18.14 ? 8  DOD A O      1 
HETATM 438 D D1     . DOD C 2 . ? -4.099 2.166   1.864   1.00 20.27 ? 8  DOD A D1     1 
HETATM 439 D D2     . DOD C 2 . ? -2.602 1.998   2.052   1.00 20.23 ? 8  DOD A D2     1 
HETATM 440 O O      . DOD C 2 . ? -3.927 1.403   -5.899  1.00 16.56 ? 9  DOD A O      1 
HETATM 441 D D1     . DOD C 2 . ? -4.622 0.737   -5.821  1.00 17.69 ? 9  DOD A D1     1 
HETATM 442 D D2     . DOD C 2 . ? -4.173 1.969   -6.638  1.00 19.24 ? 9  DOD A D2     1 
HETATM 443 O O      . DOD C 2 . ? 0.371  0.248   3.928   1.00 17.57 ? 14 DOD A O      1 
HETATM 444 D D1     . DOD C 2 . ? -0.007 -0.639  4.051   1.00 16.53 ? 14 DOD A D1     1 
HETATM 445 D D2     . DOD C 2 . ? 0.492  0.679   4.781   1.00 16.49 ? 14 DOD A D2     1 
HETATM 446 O O      . DOD C 2 . ? -2.461 -5.800  -3.365  1.00 21.84 ? 17 DOD A O      1 
HETATM 447 D D1     . DOD C 2 . ? -2.413 -5.786  -2.410  1.00 20.74 ? 17 DOD A D1     1 
HETATM 448 D D2     . DOD C 2 . ? -3.385 -5.668  -3.619  1.00 22.02 ? 17 DOD A D2     1 
HETATM 449 O O      . DOD C 2 . ? 0.596  0.383   9.489   1.00 22.56 ? 21 DOD A O      1 
HETATM 450 D D1     . DOD C 2 . ? 0.359  0.264   8.560   1.00 20.10 ? 21 DOD A D1     1 
HETATM 451 D D2     . DOD C 2 . ? 0.435  1.322   9.627   1.00 22.62 ? 21 DOD A D2     1 
HETATM 452 O O      . DOD C 2 . ? -8.885 -1.865  -1.480  1.00 24.19 ? 23 DOD A O      1 
HETATM 453 D D1     . DOD C 2 . ? -9.003 -2.819  -1.538  1.00 24.25 ? 23 DOD A D1     1 
HETATM 454 D D2     . DOD C 2 . ? -8.222 -1.740  -0.789  1.00 23.55 ? 23 DOD A D2     1 
HETATM 455 O O      . DOD C 2 . ? -1.463 3.176   -2.495  1.00 23.66 ? 26 DOD A O      1 
HETATM 456 D D1     . DOD C 2 . ? -1.924 3.909   -2.912  1.00 26.01 ? 26 DOD A D1     1 
HETATM 457 D D2     . DOD C 2 . ? -0.780 2.912   -3.112  1.00 25.35 ? 26 DOD A D2     1 
HETATM 458 O O      . DOD C 2 . ? -1.994 4.607   -6.315  1.00 28.70 ? 33 DOD A O      1 
HETATM 459 D D1     . DOD C 2 . ? -2.690 5.230   -6.095  1.00 28.59 ? 33 DOD A D1     1 
HETATM 460 D D2     . DOD C 2 . ? -2.356 3.937   -6.904  1.00 28.22 ? 33 DOD A D2     1 
HETATM 461 O O      . DOD C 2 . ? 1.813  -5.332  -4.802  1.00 31.95 ? 37 DOD A O      1 
HETATM 462 D D1     . DOD C 2 . ? 2.040  -5.793  -3.981  1.00 33.06 ? 37 DOD A D1     1 
HETATM 463 D D2     . DOD C 2 . ? 2.048  -5.926  -5.519  1.00 33.11 ? 37 DOD A D2     1 
HETATM 464 O O      . DOD C 2 . ? -8.596 4.744   -1.419  1.00 40.46 ? 38 DOD A O      1 
HETATM 465 D D1     . DOD C 2 . ? -8.519 5.477   -2.031  1.00 40.63 ? 38 DOD A D1     1 
HETATM 466 D D2     . DOD C 2 . ? -7.980 4.059   -1.714  1.00 40.83 ? 38 DOD A D2     1 
HETATM 467 O O      . DOD C 2 . ? -5.301 -7.150  2.986   1.00 27.09 ? 41 DOD A O      1 
HETATM 468 D D1     . DOD C 2 . ? -5.697 -7.569  2.213   1.00 28.20 ? 41 DOD A D1     1 
HETATM 469 D D2     . DOD C 2 . ? -5.185 -7.810  3.674   1.00 26.33 ? 41 DOD A D2     1 
HETATM 470 O O      . DOD C 2 . ? -4.257 3.022   -8.001  1.00 26.50 ? 42 DOD A O      1 
HETATM 471 D D1     . DOD C 2 . ? -4.521 2.461   -8.750  1.00 26.28 ? 42 DOD A D1     1 
HETATM 472 D D2     . DOD C 2 . ? -4.835 3.789   -8.028  1.00 26.69 ? 42 DOD A D2     1 
HETATM 473 O O      . DOD C 2 . ? -7.406 -5.833  -3.313  1.00 42.11 ? 53 DOD A O      1 
HETATM 474 D D1     . DOD C 2 . ? -7.135 -5.144  -3.923  1.00 42.44 ? 53 DOD A D1     1 
HETATM 475 D D2     . DOD C 2 . ? -8.183 -5.473  -2.874  1.00 42.54 ? 53 DOD A D2     1 
HETATM 476 O O      . DOD C 2 . ? -8.629 -3.052  8.323   1.00 31.38 ? 57 DOD A O      1 
HETATM 477 D D1     . DOD C 2 . ? -9.102 -2.207  8.367   1.00 31.65 ? 57 DOD A D1     1 
HETATM 478 D D2     . DOD C 2 . ? -7.950 -2.986  9.013   1.00 32.24 ? 57 DOD A D2     1 
HETATM 479 O O      . DOD C 2 . ? -7.093 -4.521  6.644   1.00 21.10 ? 58 DOD A O      1 
HETATM 480 D D1     . DOD C 2 . ? -6.184 -4.502  6.927   1.00 22.95 ? 58 DOD A D1     1 
HETATM 481 D D2     . DOD C 2 . ? -7.499 -3.751  7.066   1.00 22.95 ? 58 DOD A D2     1 
HETATM 482 O O      . DOD C 2 . ? 3.083  -2.161  -11.675 1.00 21.93 ? 69 DOD A O      1 
HETATM 483 D D1     . DOD C 2 . ? 2.315  -1.575  -11.626 1.00 24.97 ? 69 DOD A D1     1 
HETATM 484 D D2     . DOD C 2 . ? 2.947  -2.682  -12.470 1.00 22.63 ? 69 DOD A D2     1 
HETATM 485 O O      . DOD D 2 . ? -0.622 1.996   0.815   1.00 23.38 ? 4  DOD B O      1 
HETATM 486 D D1     . DOD D 2 . ? -0.252 1.150   1.081   1.00 24.00 ? 4  DOD B D1     1 
HETATM 487 D D2     . DOD D 2 . ? -0.873 1.914   -0.122  1.00 25.13 ? 4  DOD B D2     1 
HETATM 488 O O      . DOD D 2 . ? 1.627  4.746   0.347   1.00 19.93 ? 13 DOD B O      1 
HETATM 489 D D1     . DOD D 2 . ? 1.202  4.614   1.200   1.00 22.56 ? 13 DOD B D1     1 
HETATM 490 D D2     . DOD D 2 . ? 2.078  5.602   0.398   1.00 22.38 ? 13 DOD B D2     1 
HETATM 491 O O      . DOD D 2 . ? 6.240  6.729   -5.405  1.00 28.65 ? 15 DOD B O      1 
HETATM 492 D D1     . DOD D 2 . ? 5.649  6.936   -6.140  1.00 29.13 ? 15 DOD B D1     1 
HETATM 493 D D2     . DOD D 2 . ? 6.676  7.572   -5.206  1.00 29.53 ? 15 DOD B D2     1 
HETATM 494 O O      . DOD D 2 . ? 8.442  8.072   0.326   1.00 20.62 ? 16 DOD B O      1 
HETATM 495 D D1     . DOD D 2 . ? 8.536  8.677   -0.418  1.00 21.61 ? 16 DOD B D1     1 
HETATM 496 D D2     . DOD D 2 . ? 7.489  7.968   0.444   1.00 22.80 ? 16 DOD B D2     1 
HETATM 497 O O      . DOD D 2 . ? 2.320  -4.007  9.882   1.00 21.74 ? 17 DOD B O      1 
HETATM 498 D D1     . DOD D 2 . ? 1.444  -4.320  9.637   1.00 21.13 ? 17 DOD B D1     1 
HETATM 499 D D2     . DOD D 2 . ? 2.735  -3.509  9.176   1.00 19.34 ? 17 DOD B D2     1 
HETATM 500 O O      . DOD D 2 . ? -0.342 -9.614  3.165   1.00 32.20 ? 18 DOD B O      1 
HETATM 501 D D1     . DOD D 2 . ? 0.497  -10.104 3.192   1.00 33.30 ? 18 DOD B D1     1 
HETATM 502 D D2     . DOD D 2 . ? -0.178 -8.846  2.607   1.00 33.00 ? 18 DOD B D2     1 
HETATM 503 O O      . DOD D 2 . ? 1.566  -1.640  7.097   1.00 23.90 ? 19 DOD B O      1 
HETATM 504 D D1     . DOD D 2 . ? 1.915  -0.943  7.654   1.00 23.24 ? 19 DOD B D1     1 
HETATM 505 D D2     . DOD D 2 . ? 2.218  -2.347  6.997   1.00 23.54 ? 19 DOD B D2     1 
HETATM 506 O O      . DOD D 2 . ? -4.456 -8.885  5.023   1.00 27.29 ? 25 DOD B O      1 
HETATM 507 D D1     . DOD D 2 . ? -3.858 -9.499  4.566   1.00 27.64 ? 25 DOD B D1     1 
HETATM 508 D D2     . DOD D 2 . ? -5.338 -9.282  4.941   1.00 28.79 ? 25 DOD B D2     1 
HETATM 509 O O      . DOD D 2 . ? 2.655  -6.548  -2.377  1.00 25.50 ? 27 DOD B O      1 
HETATM 510 D D1     . DOD D 2 . ? 3.532  -6.140  -2.356  1.00 24.86 ? 27 DOD B D1     1 
HETATM 511 D D2     . DOD D 2 . ? 2.827  -7.499  -2.376  1.00 27.41 ? 27 DOD B D2     1 
HETATM 512 O O      . DOD D 2 . ? -1.447 -8.203  -0.327  1.00 29.91 ? 32 DOD B O      1 
HETATM 513 D D1     . DOD D 2 . ? -0.494 -8.298  -0.272  1.00 30.44 ? 32 DOD B D1     1 
HETATM 514 D D2     . DOD D 2 . ? -1.676 -7.295  -0.108  1.00 30.28 ? 32 DOD B D2     1 
HETATM 515 O O      . DOD D 2 . ? 5.688  11.013  -2.692  1.00 26.26 ? 34 DOD B O      1 
HETATM 516 D D1     . DOD D 2 . ? 5.298  10.379  -2.069  1.00 26.50 ? 34 DOD B D1     1 
HETATM 517 D D2     . DOD D 2 . ? 5.532  11.887  -2.315  1.00 25.57 ? 34 DOD B D2     1 
HETATM 518 O O      . DOD D 2 . ? 7.054  7.511   -9.046  1.00 28.33 ? 35 DOD B O      1 
HETATM 519 D D1     . DOD D 2 . ? 7.697  6.851   -9.323  1.00 28.97 ? 35 DOD B D1     1 
HETATM 520 D D2     . DOD D 2 . ? 6.338  7.493   -9.684  1.00 29.23 ? 35 DOD B D2     1 
HETATM 521 O O      . DOD D 2 . ? 1.721  -11.249 3.769   1.00 35.30 ? 40 DOD B O      1 
HETATM 522 D D1     . DOD D 2 . ? 2.204  -10.728 4.429   1.00 35.47 ? 40 DOD B D1     1 
HETATM 523 D D2     . DOD D 2 . ? 1.412  -12.048 4.219   1.00 34.97 ? 40 DOD B D2     1 
HETATM 524 O O      . DOD D 2 . ? 5.890  5.305   6.261   1.00 22.97 ? 43 DOD B O      1 
HETATM 525 D D1     . DOD D 2 . ? 6.402  4.967   7.004   1.00 23.34 ? 43 DOD B D1     1 
HETATM 526 D D2     . DOD D 2 . ? 5.767  4.525   5.681   1.00 24.93 ? 43 DOD B D2     1 
HETATM 527 O O      . DOD D 2 . ? -2.962 8.836   1.294   1.00 38.72 ? 50 DOD B O      1 
HETATM 528 D D1     . DOD D 2 . ? -3.734 8.795   0.726   1.00 39.23 ? 50 DOD B D1     1 
HETATM 529 D D2     . DOD D 2 . ? -2.217 8.713   0.696   1.00 39.47 ? 50 DOD B D2     1 
HETATM 530 O O      . DOD D 2 . ? 7.846  4.685   -5.671  1.00 30.01 ? 51 DOD B O      1 
HETATM 531 D D1     . DOD D 2 . ? 7.341  5.506   -5.783  1.00 30.19 ? 51 DOD B D1     1 
HETATM 532 D D2     . DOD D 2 . ? 8.411  4.849   -4.913  1.00 30.79 ? 51 DOD B D2     1 
HETATM 533 O O      . DOD D 2 . ? -2.635 -10.765 3.827   1.00 32.77 ? 62 DOD B O      1 
HETATM 534 D D1     . DOD D 2 . ? -1.804 -10.276 3.690   1.00 32.82 ? 62 DOD B D1     1 
HETATM 535 D D2     . DOD D 2 . ? -2.953 -10.903 2.927   1.00 33.70 ? 62 DOD B D2     1 
HETATM 536 O O      . DOD D 2 . ? -1.754 -13.549 4.218   1.00 16.22 ? 63 DOD B O      1 
HETATM 537 D D1     . DOD D 2 . ? -2.089 -12.671 4.018   1.00 19.58 ? 63 DOD B D1     1 
HETATM 538 D D2     . DOD D 2 . ? -0.911 -13.421 4.687   1.00 18.37 ? 63 DOD B D2     1 
HETATM 539 O O      . DOD D 2 . ? 6.981  9.330   -5.091  1.00 42.38 ? 64 DOD B O      1 
HETATM 540 D D1     . DOD D 2 . ? 7.626  10.054  -5.071  1.00 42.94 ? 64 DOD B D1     1 
HETATM 541 D D2     . DOD D 2 . ? 6.281  9.643   -5.689  1.00 43.17 ? 64 DOD B D2     1 
HETATM 542 O O      . DOD D 2 . ? 8.391  9.717   -1.714  1.00 24.35 ? 65 DOD B O      1 
HETATM 543 D D1     . DOD D 2 . ? 7.582  9.606   -2.221  1.00 24.10 ? 65 DOD B D1     1 
HETATM 544 D D2     . DOD D 2 . ? 8.326  10.545  -1.217  1.00 24.52 ? 65 DOD B D2     1 
HETATM 545 O O      . DOD D 2 . ? 8.881  10.053  -8.402  1.00 28.87 ? 66 DOD B O      1 
HETATM 546 D D1     . DOD D 2 . ? 7.968  10.130  -8.095  1.00 30.21 ? 66 DOD B D1     1 
HETATM 547 D D2     . DOD D 2 . ? 9.405  9.860   -7.617  1.00 29.04 ? 66 DOD B D2     1 
HETATM 548 O O      . DOD D 2 . ? 5.069  -5.436  -2.286  1.00 35.05 ? 67 DOD B O      1 
HETATM 549 D D1     . DOD D 2 . ? 5.765  -6.060  -2.037  1.00 35.53 ? 67 DOD B D1     1 
HETATM 550 D D2     . DOD D 2 . ? 5.493  -4.569  -2.393  1.00 35.58 ? 67 DOD B D2     1 
HETATM 551 O O      . DOD D 2 . ? 4.207  -1.968  5.513   1.00 18.62 ? 68 DOD B O      1 
HETATM 552 D D1     . DOD D 2 . ? 3.890  -1.070  5.674   1.00 20.28 ? 68 DOD B D1     1 
HETATM 553 D D2     . DOD D 2 . ? 5.151  -1.856  5.336   1.00 20.38 ? 68 DOD B D2     1 
HETATM 554 O O      . DOD D 2 . ? 5.167  -2.401  -5.832  1.00 28.14 ? 70 DOD B O      1 
HETATM 555 D D1     . DOD D 2 . ? 5.070  -1.450  -5.865  1.00 26.64 ? 70 DOD B D1     1 
HETATM 556 D D2     . DOD D 2 . ? 4.466  -2.798  -6.354  1.00 28.34 ? 70 DOD B D2     1 
# 
